data_6D6O
#
_entry.id   6D6O
#
_cell.length_a   56.020
_cell.length_b   84.280
_cell.length_c   76.640
_cell.angle_alpha   90.00
_cell.angle_beta   101.24
_cell.angle_gamma   90.00
#
_symmetry.space_group_name_H-M   'P 1 21 1'
#
loop_
_entity.id
_entity.type
_entity.pdbx_description
1 polymer 'Transcriptional activator protein LasR'
2 non-polymer '2,4-dibromo-6-{[(2-nitrobenzene-1-carbonyl)amino]methyl}phenyl octanoate'
3 water water
#
_entity_poly.entity_id   1
_entity_poly.type   'polypeptide(L)'
_entity_poly.pdbx_seq_one_letter_code
;MALVDGFLELERSSGKLEWSAILQKMASDLGFSKILFGLLPKDSQDYENAFIVGNYPAAWREHYDRAGYARVDPTVSHCT
QSVLPIFWEPSIYQTRKQHEFFEEASAAGLVYGLTMPLHGARGELGALSLSVEAENRAEANRFMESVLPTLWMLKDYALQ
SGAGLAFEHP
;
_entity_poly.pdbx_strand_id   A,B,C,D
#
# COMPACT_ATOMS: atom_id res chain seq x y z
N GLY A 6 0.53 -1.56 13.23
CA GLY A 6 0.40 -0.83 14.53
C GLY A 6 -0.89 -1.13 15.27
N PHE A 7 -1.89 -1.65 14.54
CA PHE A 7 -3.21 -1.93 15.13
C PHE A 7 -3.19 -3.03 16.18
N LEU A 8 -2.22 -3.93 16.08
CA LEU A 8 -2.07 -5.05 17.01
C LEU A 8 -1.75 -4.60 18.44
N GLU A 9 -1.15 -3.42 18.57
CA GLU A 9 -0.79 -2.85 19.88
C GLU A 9 -1.99 -2.59 20.80
N LEU A 10 -3.17 -2.35 20.21
CA LEU A 10 -4.39 -2.10 21.01
C LEU A 10 -4.82 -3.33 21.82
N GLU A 11 -4.73 -4.52 21.22
CA GLU A 11 -4.99 -5.77 21.93
C GLU A 11 -3.89 -6.12 22.92
N ARG A 12 -2.65 -5.86 22.51
CA ARG A 12 -1.45 -6.19 23.27
C ARG A 12 -1.42 -5.47 24.63
N SER A 13 -2.03 -4.29 24.69
CA SER A 13 -2.01 -3.47 25.91
C SER A 13 -2.88 -4.03 27.03
N SER A 14 -2.48 -3.74 28.26
CA SER A 14 -3.27 -4.08 29.43
C SER A 14 -3.65 -2.82 30.18
N GLY A 15 -4.96 -2.65 30.39
CA GLY A 15 -5.47 -1.55 31.18
C GLY A 15 -5.91 -0.36 30.35
N LYS A 16 -6.93 0.33 30.87
CA LYS A 16 -7.51 1.53 30.27
C LYS A 16 -6.48 2.59 29.90
N LEU A 17 -5.49 2.81 30.77
CA LEU A 17 -4.51 3.88 30.58
C LEU A 17 -3.63 3.69 29.35
N GLU A 18 -3.03 2.50 29.23
CA GLU A 18 -2.15 2.19 28.12
C GLU A 18 -2.91 2.16 26.80
N TRP A 19 -4.09 1.54 26.81
CA TRP A 19 -4.96 1.48 25.63
C TRP A 19 -5.30 2.89 25.13
N SER A 20 -5.75 3.74 26.04
CA SER A 20 -6.11 5.12 25.67
C SER A 20 -4.90 5.86 25.13
N ALA A 21 -3.74 5.67 25.78
CA ALA A 21 -2.49 6.28 25.30
C ALA A 21 -2.11 5.85 23.88
N ILE A 22 -2.24 4.55 23.61
CA ILE A 22 -1.95 3.98 22.29
C ILE A 22 -2.91 4.57 21.24
N LEU A 23 -4.20 4.61 21.56
CA LEU A 23 -5.20 5.15 20.63
C LEU A 23 -4.93 6.62 20.33
N GLN A 24 -4.65 7.39 21.37
CA GLN A 24 -4.34 8.82 21.23
C GLN A 24 -3.12 9.04 20.35
N LYS A 25 -2.10 8.19 20.53
CA LYS A 25 -0.89 8.28 19.71
C LYS A 25 -1.17 7.92 18.25
N MET A 26 -1.91 6.85 18.01
CA MET A 26 -2.29 6.48 16.66
C MET A 26 -3.08 7.60 15.99
N ALA A 27 -3.99 8.22 16.74
CA ALA A 27 -4.79 9.32 16.20
C ALA A 27 -3.92 10.53 15.89
N SER A 28 -3.00 10.84 16.81
CA SER A 28 -2.05 11.93 16.64
C SER A 28 -1.20 11.72 15.38
N ASP A 29 -0.76 10.48 15.18
CA ASP A 29 0.00 10.13 13.98
C ASP A 29 -0.77 10.33 12.68
N LEU A 30 -2.10 10.26 12.77
CA LEU A 30 -2.97 10.50 11.63
C LEU A 30 -3.34 11.97 11.47
N GLY A 31 -2.88 12.81 12.40
CA GLY A 31 -3.07 14.26 12.33
C GLY A 31 -4.13 14.83 13.27
N PHE A 32 -4.61 14.00 14.19
CA PHE A 32 -5.65 14.41 15.14
C PHE A 32 -5.14 14.58 16.56
N SER A 33 -5.12 15.81 17.04
CA SER A 33 -4.55 16.10 18.36
C SER A 33 -5.50 15.80 19.52
N LYS A 34 -6.81 15.74 19.26
CA LYS A 34 -7.80 15.47 20.31
C LYS A 34 -8.76 14.38 19.86
N ILE A 35 -8.98 13.40 20.72
CA ILE A 35 -9.92 12.34 20.41
C ILE A 35 -10.76 11.99 21.62
N LEU A 36 -11.95 11.46 21.36
CA LEU A 36 -12.76 10.88 22.40
C LEU A 36 -13.39 9.57 21.91
N PHE A 37 -13.18 8.51 22.67
CA PHE A 37 -13.76 7.20 22.35
C PHE A 37 -14.80 6.94 23.42
N GLY A 38 -16.05 6.84 23.01
CA GLY A 38 -17.16 6.61 23.94
C GLY A 38 -17.95 5.40 23.51
N LEU A 39 -18.24 4.52 24.46
CA LEU A 39 -18.90 3.27 24.13
C LEU A 39 -19.88 2.90 25.23
N LEU A 40 -21.11 2.56 24.81
CA LEU A 40 -22.17 2.12 25.70
C LEU A 40 -22.46 0.65 25.46
N PRO A 41 -22.81 -0.09 26.53
CA PRO A 41 -23.30 -1.46 26.33
C PRO A 41 -24.66 -1.50 25.62
N LYS A 42 -25.01 -2.67 25.09
CA LYS A 42 -26.26 -2.88 24.37
C LYS A 42 -27.48 -2.33 25.12
N ASP A 43 -28.34 -1.62 24.40
CA ASP A 43 -29.58 -1.03 24.92
C ASP A 43 -29.44 -0.22 26.21
N SER A 44 -28.37 0.56 26.30
CA SER A 44 -28.16 1.46 27.43
C SER A 44 -29.23 2.53 27.44
N GLN A 45 -29.71 2.85 28.64
CA GLN A 45 -30.80 3.80 28.83
C GLN A 45 -30.31 5.15 29.31
N ASP A 46 -29.06 5.18 29.74
CA ASP A 46 -28.38 6.41 30.15
C ASP A 46 -26.89 6.25 29.85
N TYR A 47 -26.07 7.16 30.36
CA TYR A 47 -24.62 7.11 30.15
C TYR A 47 -23.87 6.61 31.38
N GLU A 48 -24.60 6.09 32.35
CA GLU A 48 -23.99 5.66 33.61
C GLU A 48 -22.98 4.52 33.46
N ASN A 49 -23.21 3.65 32.48
CA ASN A 49 -22.35 2.49 32.24
C ASN A 49 -21.45 2.65 31.04
N ALA A 50 -21.26 3.90 30.61
CA ALA A 50 -20.41 4.20 29.48
C ALA A 50 -18.92 4.07 29.79
N PHE A 51 -18.17 3.69 28.77
CA PHE A 51 -16.71 3.70 28.80
C PHE A 51 -16.30 4.87 27.91
N ILE A 52 -15.71 5.90 28.52
CA ILE A 52 -15.34 7.10 27.78
C ILE A 52 -13.90 7.46 28.09
N VAL A 53 -13.05 7.41 27.07
CA VAL A 53 -11.63 7.71 27.23
C VAL A 53 -11.15 8.62 26.11
N GLY A 54 -10.10 9.38 26.39
CA GLY A 54 -9.48 10.21 25.35
C GLY A 54 -8.80 11.42 25.96
N ASN A 55 -8.47 12.40 25.13
CA ASN A 55 -7.76 13.57 25.63
C ASN A 55 -8.48 14.90 25.34
N TYR A 56 -9.80 14.84 25.17
CA TYR A 56 -10.59 16.07 25.21
C TYR A 56 -10.33 16.78 26.53
N PRO A 57 -10.28 18.12 26.52
CA PRO A 57 -10.03 18.83 27.77
C PRO A 57 -11.09 18.57 28.84
N ALA A 58 -10.65 18.47 30.10
CA ALA A 58 -11.53 18.25 31.23
C ALA A 58 -12.71 19.24 31.30
N ALA A 59 -12.44 20.53 31.10
CA ALA A 59 -13.47 21.58 31.22
C ALA A 59 -14.60 21.36 30.22
N TRP A 60 -14.24 20.99 29.00
CA TRP A 60 -15.22 20.70 27.95
C TRP A 60 -16.03 19.44 28.28
N ARG A 61 -15.36 18.38 28.71
CA ARG A 61 -16.04 17.16 29.13
C ARG A 61 -17.09 17.45 30.21
N GLU A 62 -16.70 18.22 31.22
CA GLU A 62 -17.61 18.64 32.31
C GLU A 62 -18.78 19.48 31.78
N HIS A 63 -18.48 20.46 30.95
CA HIS A 63 -19.51 21.35 30.41
C HIS A 63 -20.52 20.61 29.55
N TYR A 64 -20.02 19.75 28.69
CA TYR A 64 -20.86 18.97 27.78
C TYR A 64 -21.86 18.14 28.57
N ASP A 65 -21.38 17.52 29.66
CA ASP A 65 -22.23 16.75 30.56
C ASP A 65 -23.27 17.63 31.27
N ARG A 66 -22.77 18.68 31.94
CA ARG A 66 -23.63 19.58 32.71
C ARG A 66 -24.70 20.29 31.87
N ALA A 67 -24.35 20.63 30.63
CA ALA A 67 -25.26 21.31 29.71
C ALA A 67 -26.21 20.35 28.98
N GLY A 68 -25.98 19.06 29.10
CA GLY A 68 -26.80 18.03 28.44
C GLY A 68 -26.66 18.03 26.93
N TYR A 69 -25.45 18.30 26.44
CA TYR A 69 -25.23 18.37 24.99
C TYR A 69 -25.40 17.03 24.26
N ALA A 70 -25.41 15.92 24.99
CA ALA A 70 -25.73 14.62 24.37
C ALA A 70 -27.10 14.61 23.68
N ARG A 71 -27.99 15.52 24.10
CA ARG A 71 -29.32 15.64 23.50
C ARG A 71 -29.41 16.74 22.42
N VAL A 72 -28.27 17.37 22.12
CA VAL A 72 -28.19 18.52 21.23
C VAL A 72 -27.22 18.22 20.07
N ASP A 73 -26.02 17.77 20.45
CA ASP A 73 -24.95 17.36 19.55
C ASP A 73 -25.50 16.53 18.40
N PRO A 74 -25.43 17.06 17.15
CA PRO A 74 -26.02 16.35 16.02
C PRO A 74 -25.29 15.06 15.66
N THR A 75 -24.06 14.90 16.13
CA THR A 75 -23.29 13.68 15.84
C THR A 75 -23.82 12.49 16.62
N VAL A 76 -24.37 12.75 17.81
CA VAL A 76 -24.92 11.69 18.67
C VAL A 76 -26.13 11.04 18.00
N SER A 77 -27.12 11.83 17.60
CA SER A 77 -28.29 11.25 16.94
C SER A 77 -27.87 10.54 15.65
N HIS A 78 -26.90 11.11 14.93
CA HIS A 78 -26.40 10.47 13.72
C HIS A 78 -25.89 9.06 14.00
N CYS A 79 -25.13 8.91 15.07
CA CYS A 79 -24.54 7.61 15.43
C CYS A 79 -25.61 6.54 15.68
N THR A 80 -26.76 6.93 16.20
CA THR A 80 -27.87 6.00 16.42
C THR A 80 -28.50 5.50 15.12
N GLN A 81 -28.21 6.20 14.01
CA GLN A 81 -28.87 5.94 12.73
C GLN A 81 -27.95 5.45 11.61
N SER A 82 -26.65 5.48 11.81
CA SER A 82 -25.72 5.25 10.71
C SER A 82 -24.39 4.65 11.18
N VAL A 83 -23.73 3.95 10.27
CA VAL A 83 -22.37 3.46 10.48
C VAL A 83 -21.35 4.37 9.79
N LEU A 84 -21.83 5.40 9.09
CA LEU A 84 -20.92 6.27 8.34
C LEU A 84 -20.47 7.51 9.14
N PRO A 85 -19.26 8.01 8.87
CA PRO A 85 -18.80 9.16 9.64
C PRO A 85 -19.66 10.37 9.38
N ILE A 86 -19.72 11.26 10.37
CA ILE A 86 -20.32 12.58 10.21
C ILE A 86 -19.24 13.63 10.46
N PHE A 87 -19.02 14.50 9.48
CA PHE A 87 -18.06 15.57 9.64
C PHE A 87 -18.67 16.75 10.40
N TRP A 88 -17.88 17.39 11.25
CA TRP A 88 -18.36 18.47 12.12
C TRP A 88 -18.57 19.75 11.33
N GLU A 89 -19.83 20.11 11.12
CA GLU A 89 -20.15 21.32 10.36
C GLU A 89 -21.41 21.96 10.90
N PRO A 90 -21.34 23.26 11.22
CA PRO A 90 -22.54 24.04 11.55
C PRO A 90 -23.70 23.80 10.58
N SER A 91 -23.41 23.20 9.43
CA SER A 91 -24.48 22.65 8.57
C SER A 91 -25.31 21.58 9.29
N ILE A 92 -24.64 20.72 10.08
CA ILE A 92 -25.33 19.74 10.93
C ILE A 92 -26.01 20.38 12.16
N TYR A 93 -25.74 21.67 12.39
CA TYR A 93 -26.47 22.48 13.37
C TYR A 93 -27.70 23.15 12.75
N GLN A 94 -28.79 23.22 13.52
CA GLN A 94 -29.99 23.96 13.12
C GLN A 94 -30.59 24.78 14.26
N THR A 95 -30.80 24.16 15.41
CA THR A 95 -31.49 24.78 16.53
C THR A 95 -30.63 25.80 17.29
N ARG A 96 -31.27 26.55 18.17
CA ARG A 96 -30.60 27.51 19.06
C ARG A 96 -29.52 26.85 19.90
N LYS A 97 -29.87 25.75 20.55
CA LYS A 97 -28.91 25.01 21.36
C LYS A 97 -27.78 24.43 20.52
N GLN A 98 -28.09 24.07 19.27
CA GLN A 98 -27.07 23.53 18.37
C GLN A 98 -26.01 24.56 17.99
N HIS A 99 -26.40 25.80 17.72
CA HIS A 99 -25.35 26.82 17.53
C HIS A 99 -24.66 27.19 18.84
N GLU A 100 -25.37 27.12 19.96
CA GLU A 100 -24.73 27.26 21.27
C GLU A 100 -23.64 26.20 21.41
N PHE A 101 -24.00 24.95 21.10
CA PHE A 101 -23.07 23.81 21.15
C PHE A 101 -21.85 24.05 20.27
N PHE A 102 -22.07 24.40 19.01
CA PHE A 102 -20.95 24.65 18.10
C PHE A 102 -20.07 25.80 18.54
N GLU A 103 -20.69 26.88 19.03
CA GLU A 103 -19.95 28.01 19.57
C GLU A 103 -19.08 27.61 20.76
N GLU A 104 -19.67 26.84 21.68
CA GLU A 104 -18.91 26.41 22.87
C GLU A 104 -17.81 25.39 22.52
N ALA A 105 -18.08 24.50 21.56
CA ALA A 105 -17.05 23.57 21.09
C ALA A 105 -15.88 24.33 20.47
N SER A 106 -16.20 25.31 19.62
CA SER A 106 -15.19 26.15 18.99
C SER A 106 -14.34 26.88 20.03
N ALA A 107 -15.02 27.45 21.03
CA ALA A 107 -14.35 28.14 22.13
C ALA A 107 -13.38 27.23 22.87
N ALA A 108 -13.77 25.96 23.02
CA ALA A 108 -12.91 24.94 23.62
C ALA A 108 -11.80 24.47 22.69
N GLY A 109 -11.78 24.98 21.45
CA GLY A 109 -10.73 24.65 20.48
C GLY A 109 -11.04 23.45 19.61
N LEU A 110 -12.25 22.93 19.72
CA LEU A 110 -12.70 21.78 18.95
C LEU A 110 -13.61 22.28 17.84
N VAL A 111 -13.02 22.65 16.71
CA VAL A 111 -13.76 23.25 15.60
C VAL A 111 -13.94 22.29 14.42
N TYR A 112 -12.84 21.75 13.90
CA TYR A 112 -12.89 20.80 12.79
C TYR A 112 -12.66 19.38 13.27
N GLY A 113 -13.36 18.45 12.66
CA GLY A 113 -13.19 17.04 13.00
C GLY A 113 -14.29 16.17 12.42
N LEU A 114 -14.41 14.95 12.93
CA LEU A 114 -15.45 14.06 12.47
C LEU A 114 -15.71 13.08 13.58
N THR A 115 -16.89 12.46 13.51
CA THR A 115 -17.32 11.47 14.50
C THR A 115 -17.62 10.20 13.72
N MET A 116 -16.99 9.09 14.14
CA MET A 116 -17.18 7.81 13.49
C MET A 116 -18.07 6.96 14.40
N PRO A 117 -19.29 6.62 13.95
CA PRO A 117 -20.16 5.81 14.78
C PRO A 117 -19.56 4.43 14.99
N LEU A 118 -19.87 3.84 16.15
CA LEU A 118 -19.38 2.53 16.51
C LEU A 118 -20.57 1.65 16.81
N HIS A 119 -20.65 0.52 16.12
CA HIS A 119 -21.72 -0.45 16.32
C HIS A 119 -21.08 -1.83 16.43
N GLY A 120 -21.02 -2.31 17.67
CA GLY A 120 -20.29 -3.54 17.98
C GLY A 120 -21.04 -4.80 17.65
N ALA A 121 -20.31 -5.92 17.58
CA ALA A 121 -20.89 -7.21 17.28
C ALA A 121 -21.94 -7.62 18.32
N ARG A 122 -21.81 -7.10 19.53
CA ARG A 122 -22.75 -7.44 20.62
C ARG A 122 -23.67 -6.28 21.00
N GLY A 123 -23.87 -5.36 20.05
CA GLY A 123 -24.83 -4.27 20.22
C GLY A 123 -24.29 -3.07 20.97
N GLU A 124 -22.97 -3.06 21.20
CA GLU A 124 -22.29 -1.91 21.79
C GLU A 124 -22.55 -0.73 20.86
N LEU A 125 -22.78 0.43 21.44
CA LEU A 125 -23.09 1.62 20.66
C LEU A 125 -22.19 2.74 21.11
N GLY A 126 -21.55 3.41 20.16
CA GLY A 126 -20.65 4.47 20.57
C GLY A 126 -20.15 5.31 19.42
N ALA A 127 -19.06 6.01 19.69
CA ALA A 127 -18.49 6.93 18.72
C ALA A 127 -17.02 7.13 18.98
N LEU A 128 -16.25 7.26 17.91
CA LEU A 128 -14.90 7.75 18.01
C LEU A 128 -14.90 9.11 17.35
N SER A 129 -14.68 10.15 18.15
CA SER A 129 -14.65 11.52 17.67
C SER A 129 -13.21 12.03 17.65
N LEU A 130 -12.83 12.72 16.58
CA LEU A 130 -11.47 13.20 16.46
C LEU A 130 -11.51 14.62 15.95
N SER A 131 -10.69 15.47 16.56
CA SER A 131 -10.54 16.85 16.11
C SER A 131 -9.19 17.07 15.45
N VAL A 132 -9.19 17.87 14.38
CA VAL A 132 -7.97 18.20 13.66
C VAL A 132 -7.74 19.70 13.72
N GLU A 133 -6.51 20.09 14.05
CA GLU A 133 -6.11 21.50 14.03
C GLU A 133 -5.75 21.89 12.61
N ALA A 134 -6.32 23.00 12.14
CA ALA A 134 -6.10 23.47 10.77
C ALA A 134 -6.33 24.96 10.68
N GLU A 135 -5.84 25.55 9.59
CA GLU A 135 -5.95 26.99 9.30
C GLU A 135 -7.36 27.38 8.91
N ASN A 136 -8.07 26.44 8.29
CA ASN A 136 -9.43 26.63 7.82
C ASN A 136 -10.09 25.29 7.55
N ARG A 137 -11.39 25.29 7.29
CA ARG A 137 -12.15 24.06 7.05
C ARG A 137 -11.69 23.31 5.80
N ALA A 138 -11.35 24.04 4.74
CA ALA A 138 -10.88 23.39 3.52
C ALA A 138 -9.61 22.57 3.80
N GLU A 139 -8.68 23.15 4.57
CA GLU A 139 -7.45 22.49 4.91
C GLU A 139 -7.74 21.30 5.82
N ALA A 140 -8.63 21.52 6.78
CA ALA A 140 -9.06 20.45 7.71
C ALA A 140 -9.61 19.27 6.90
N ASN A 141 -10.46 19.56 5.92
CA ASN A 141 -11.04 18.52 5.08
C ASN A 141 -9.99 17.72 4.30
N ARG A 142 -9.00 18.42 3.76
CA ARG A 142 -7.89 17.77 3.08
C ARG A 142 -7.10 16.86 4.02
N PHE A 143 -6.83 17.33 5.24
CA PHE A 143 -6.14 16.51 6.25
C PHE A 143 -6.95 15.25 6.54
N MET A 144 -8.26 15.41 6.73
CA MET A 144 -9.09 14.27 7.11
C MET A 144 -9.26 13.27 5.96
N GLU A 145 -9.51 13.77 4.75
CA GLU A 145 -9.68 12.89 3.59
C GLU A 145 -8.42 12.07 3.33
N SER A 146 -7.27 12.65 3.61
CA SER A 146 -5.98 12.02 3.34
C SER A 146 -5.73 10.78 4.19
N VAL A 147 -6.42 10.69 5.33
CA VAL A 147 -6.23 9.57 6.26
C VAL A 147 -7.49 8.73 6.46
N LEU A 148 -8.56 9.07 5.76
CA LEU A 148 -9.86 8.44 5.98
C LEU A 148 -9.83 6.90 5.90
N PRO A 149 -9.16 6.34 4.88
CA PRO A 149 -9.11 4.86 4.83
C PRO A 149 -8.42 4.23 6.04
N THR A 150 -7.34 4.85 6.55
CA THR A 150 -6.63 4.32 7.72
C THR A 150 -7.45 4.51 9.00
N LEU A 151 -8.09 5.68 9.13
CA LEU A 151 -9.05 5.93 10.22
C LEU A 151 -10.21 4.93 10.25
N TRP A 152 -10.69 4.56 9.07
CA TRP A 152 -11.82 3.65 8.96
C TRP A 152 -11.45 2.30 9.55
N MET A 153 -10.22 1.85 9.30
CA MET A 153 -9.74 0.61 9.89
C MET A 153 -9.56 0.79 11.39
N LEU A 154 -8.91 1.90 11.76
CA LEU A 154 -8.61 2.21 13.17
C LEU A 154 -9.87 2.20 14.03
N LYS A 155 -10.96 2.77 13.53
CA LYS A 155 -12.18 2.83 14.35
C LYS A 155 -12.76 1.45 14.65
N ASP A 156 -12.62 0.51 13.72
CA ASP A 156 -13.11 -0.84 13.96
C ASP A 156 -12.17 -1.62 14.86
N TYR A 157 -10.86 -1.46 14.65
CA TYR A 157 -9.89 -2.03 15.59
C TYR A 157 -10.07 -1.50 17.01
N ALA A 158 -10.33 -0.19 17.16
CA ALA A 158 -10.58 0.40 18.46
C ALA A 158 -11.87 -0.14 19.08
N LEU A 159 -12.88 -0.31 18.23
CA LEU A 159 -14.16 -0.84 18.70
C LEU A 159 -14.02 -2.29 19.21
N GLN A 160 -13.34 -3.13 18.43
CA GLN A 160 -13.24 -4.55 18.79
C GLN A 160 -12.43 -4.71 20.08
N SER A 161 -11.28 -4.04 20.15
CA SER A 161 -10.43 -4.11 21.34
C SER A 161 -11.01 -3.35 22.52
N GLY A 162 -11.60 -2.18 22.24
CA GLY A 162 -12.17 -1.32 23.28
C GLY A 162 -13.36 -1.96 23.98
N ALA A 163 -14.19 -2.66 23.21
CA ALA A 163 -15.37 -3.31 23.80
C ALA A 163 -14.93 -4.36 24.81
N GLY A 164 -13.85 -5.07 24.48
CA GLY A 164 -13.30 -6.07 25.39
C GLY A 164 -12.78 -5.42 26.65
N LEU A 165 -11.97 -4.38 26.46
CA LEU A 165 -11.40 -3.65 27.59
C LEU A 165 -12.49 -3.01 28.47
N ALA A 166 -13.51 -2.44 27.82
CA ALA A 166 -14.56 -1.74 28.54
C ALA A 166 -15.46 -2.68 29.32
N PHE A 167 -15.86 -3.78 28.69
CA PHE A 167 -16.98 -4.54 29.20
C PHE A 167 -16.68 -5.98 29.57
N GLU A 168 -15.52 -6.49 29.15
CA GLU A 168 -15.26 -7.92 29.27
C GLU A 168 -14.04 -8.33 30.08
N HIS A 169 -12.89 -7.75 29.79
CA HIS A 169 -11.64 -8.22 30.40
C HIS A 169 -11.53 -7.79 31.87
N PRO A 170 -11.10 -8.73 32.74
CA PRO A 170 -10.91 -8.39 34.15
C PRO A 170 -9.86 -7.30 34.33
N GLY B 6 -17.12 8.12 -5.30
CA GLY B 6 -18.44 7.75 -4.69
C GLY B 6 -18.38 6.39 -4.01
N PHE B 7 -18.38 6.33 -2.67
CA PHE B 7 -18.52 7.48 -1.74
C PHE B 7 -19.95 8.01 -1.63
N LEU B 8 -20.80 7.63 -2.59
CA LEU B 8 -22.18 8.09 -2.66
C LEU B 8 -22.98 7.24 -3.64
N GLU B 9 -22.30 6.72 -4.66
CA GLU B 9 -22.93 6.03 -5.78
C GLU B 9 -23.83 4.86 -5.39
N LEU B 10 -23.43 4.12 -4.35
CA LEU B 10 -24.27 3.04 -3.82
C LEU B 10 -25.55 3.58 -3.19
N GLU B 11 -25.42 4.63 -2.38
CA GLU B 11 -26.58 5.28 -1.76
C GLU B 11 -27.42 5.98 -2.84
N ARG B 12 -26.74 6.56 -3.83
CA ARG B 12 -27.38 7.27 -4.93
C ARG B 12 -27.77 6.37 -6.10
N SER B 13 -27.77 5.05 -5.87
CA SER B 13 -28.30 4.10 -6.84
C SER B 13 -29.83 4.13 -6.79
N SER B 14 -30.46 3.85 -7.92
CA SER B 14 -31.92 3.86 -8.00
C SER B 14 -32.47 2.44 -8.01
N GLY B 15 -32.59 1.87 -6.82
CA GLY B 15 -33.19 0.54 -6.65
C GLY B 15 -32.21 -0.60 -6.51
N LYS B 16 -32.74 -1.75 -6.10
CA LYS B 16 -31.99 -2.98 -5.85
C LYS B 16 -31.07 -3.39 -7.01
N LEU B 17 -31.61 -3.37 -8.23
CA LEU B 17 -30.87 -3.81 -9.40
C LEU B 17 -29.61 -2.99 -9.65
N GLU B 18 -29.74 -1.67 -9.66
CA GLU B 18 -28.58 -0.79 -9.87
C GLU B 18 -27.59 -0.82 -8.71
N TRP B 19 -28.10 -1.00 -7.49
CA TRP B 19 -27.27 -1.16 -6.29
C TRP B 19 -26.40 -2.41 -6.42
N SER B 20 -27.04 -3.54 -6.66
CA SER B 20 -26.36 -4.82 -6.87
C SER B 20 -25.28 -4.76 -7.95
N ALA B 21 -25.59 -4.10 -9.07
CA ALA B 21 -24.64 -3.99 -10.19
C ALA B 21 -23.46 -3.08 -9.87
N ILE B 22 -23.74 -1.96 -9.20
CA ILE B 22 -22.68 -1.03 -8.77
C ILE B 22 -21.78 -1.75 -7.76
N LEU B 23 -22.39 -2.41 -6.79
CA LEU B 23 -21.64 -3.16 -5.77
C LEU B 23 -20.73 -4.20 -6.42
N GLN B 24 -21.31 -5.00 -7.32
CA GLN B 24 -20.54 -6.01 -8.05
C GLN B 24 -19.46 -5.40 -8.93
N LYS B 25 -19.76 -4.25 -9.53
CA LYS B 25 -18.79 -3.53 -10.37
C LYS B 25 -17.64 -2.93 -9.56
N MET B 26 -17.96 -2.33 -8.42
CA MET B 26 -16.95 -1.80 -7.50
C MET B 26 -15.99 -2.91 -7.10
N ALA B 27 -16.57 -4.04 -6.69
CA ALA B 27 -15.80 -5.24 -6.33
C ALA B 27 -14.95 -5.70 -7.50
N SER B 28 -15.55 -5.79 -8.68
CA SER B 28 -14.86 -6.19 -9.90
C SER B 28 -13.67 -5.27 -10.23
N ASP B 29 -13.91 -3.97 -10.15
CA ASP B 29 -12.87 -2.95 -10.40
C ASP B 29 -11.75 -3.03 -9.39
N LEU B 30 -12.10 -3.36 -8.15
CA LEU B 30 -11.11 -3.50 -7.09
C LEU B 30 -10.35 -4.82 -7.23
N GLY B 31 -10.92 -5.76 -7.98
CA GLY B 31 -10.24 -7.02 -8.32
C GLY B 31 -10.90 -8.31 -7.82
N PHE B 32 -12.14 -8.21 -7.37
CA PHE B 32 -12.87 -9.37 -6.86
C PHE B 32 -14.01 -9.76 -7.82
N SER B 33 -13.90 -10.94 -8.42
CA SER B 33 -14.87 -11.39 -9.42
C SER B 33 -16.16 -11.93 -8.80
N LYS B 34 -16.10 -12.31 -7.52
CA LYS B 34 -17.22 -12.89 -6.82
C LYS B 34 -17.48 -12.17 -5.51
N ILE B 35 -18.71 -11.71 -5.31
CA ILE B 35 -19.12 -11.10 -4.03
C ILE B 35 -20.48 -11.59 -3.57
N LEU B 36 -20.67 -11.56 -2.26
CA LEU B 36 -21.97 -11.81 -1.69
C LEU B 36 -22.17 -10.91 -0.48
N PHE B 37 -23.24 -10.13 -0.55
CA PHE B 37 -23.68 -9.28 0.54
C PHE B 37 -24.90 -9.96 1.14
N GLY B 38 -24.82 -10.32 2.42
CA GLY B 38 -25.92 -10.96 3.11
C GLY B 38 -26.29 -10.17 4.35
N LEU B 39 -27.56 -9.85 4.51
CA LEU B 39 -28.01 -9.03 5.65
C LEU B 39 -29.33 -9.53 6.23
N LEU B 40 -29.37 -9.62 7.56
CA LEU B 40 -30.56 -10.03 8.30
C LEU B 40 -31.06 -8.86 9.15
N PRO B 41 -32.41 -8.73 9.29
CA PRO B 41 -32.99 -7.77 10.24
C PRO B 41 -32.61 -8.10 11.68
N LYS B 42 -32.76 -7.10 12.56
CA LYS B 42 -32.46 -7.24 13.98
C LYS B 42 -33.16 -8.45 14.60
N ASP B 43 -32.40 -9.23 15.37
CA ASP B 43 -32.91 -10.38 16.11
C ASP B 43 -33.68 -11.39 15.25
N SER B 44 -33.14 -11.68 14.07
CA SER B 44 -33.72 -12.68 13.18
C SER B 44 -33.51 -14.08 13.74
N GLN B 45 -34.54 -14.90 13.65
CA GLN B 45 -34.49 -16.28 14.15
C GLN B 45 -33.86 -17.20 13.12
N ASP B 46 -34.19 -16.97 11.85
CA ASP B 46 -33.65 -17.76 10.74
C ASP B 46 -33.24 -16.83 9.60
N TYR B 47 -33.29 -17.35 8.37
CA TYR B 47 -32.91 -16.58 7.18
C TYR B 47 -34.11 -16.23 6.29
N GLU B 48 -35.31 -16.28 6.87
CA GLU B 48 -36.55 -16.04 6.11
C GLU B 48 -36.71 -14.60 5.61
N ASN B 49 -36.14 -13.65 6.35
CA ASN B 49 -36.18 -12.23 5.95
C ASN B 49 -34.83 -11.70 5.47
N ALA B 50 -33.94 -12.62 5.11
CA ALA B 50 -32.59 -12.27 4.66
C ALA B 50 -32.59 -11.54 3.32
N PHE B 51 -31.75 -10.51 3.24
CA PHE B 51 -31.46 -9.80 2.00
C PHE B 51 -30.09 -10.26 1.52
N ILE B 52 -30.09 -11.05 0.45
CA ILE B 52 -28.85 -11.64 -0.05
C ILE B 52 -28.70 -11.33 -1.52
N VAL B 53 -27.60 -10.66 -1.84
CA VAL B 53 -27.34 -10.13 -3.17
C VAL B 53 -25.89 -10.39 -3.54
N GLY B 54 -25.66 -10.77 -4.79
CA GLY B 54 -24.31 -10.94 -5.28
C GLY B 54 -24.24 -11.79 -6.52
N ASN B 55 -23.02 -12.15 -6.89
CA ASN B 55 -22.75 -12.93 -8.10
C ASN B 55 -22.00 -14.22 -7.84
N TYR B 56 -22.14 -14.76 -6.63
CA TYR B 56 -21.70 -16.13 -6.34
C TYR B 56 -22.47 -17.06 -7.28
N PRO B 57 -21.82 -18.13 -7.77
CA PRO B 57 -22.50 -19.09 -8.65
C PRO B 57 -23.77 -19.66 -8.02
N ALA B 58 -24.82 -19.80 -8.83
CA ALA B 58 -26.09 -20.37 -8.40
C ALA B 58 -25.93 -21.75 -7.74
N ALA B 59 -25.10 -22.61 -8.35
CA ALA B 59 -24.94 -23.99 -7.86
C ALA B 59 -24.38 -23.99 -6.43
N TRP B 60 -23.46 -23.07 -6.17
CA TRP B 60 -22.86 -22.94 -4.84
C TRP B 60 -23.85 -22.35 -3.81
N ARG B 61 -24.57 -21.30 -4.22
CA ARG B 61 -25.63 -20.73 -3.39
C ARG B 61 -26.62 -21.81 -2.97
N GLU B 62 -27.02 -22.66 -3.91
CA GLU B 62 -27.95 -23.76 -3.66
C GLU B 62 -27.35 -24.80 -2.72
N HIS B 63 -26.11 -25.21 -2.98
CA HIS B 63 -25.41 -26.22 -2.18
C HIS B 63 -25.26 -25.78 -0.73
N TYR B 64 -24.83 -24.54 -0.53
CA TYR B 64 -24.65 -23.95 0.80
C TYR B 64 -25.96 -23.99 1.60
N ASP B 65 -27.06 -23.61 0.95
CA ASP B 65 -28.38 -23.65 1.56
C ASP B 65 -28.80 -25.07 1.93
N ARG B 66 -28.73 -25.97 0.95
CA ARG B 66 -29.17 -27.35 1.12
C ARG B 66 -28.32 -28.11 2.16
N ALA B 67 -27.03 -27.79 2.24
CA ALA B 67 -26.14 -28.45 3.20
C ALA B 67 -26.20 -27.87 4.63
N GLY B 68 -26.93 -26.77 4.79
CA GLY B 68 -26.98 -26.05 6.06
C GLY B 68 -25.66 -25.44 6.47
N TYR B 69 -24.88 -24.97 5.49
CA TYR B 69 -23.53 -24.45 5.76
C TYR B 69 -23.47 -23.16 6.60
N ALA B 70 -24.60 -22.48 6.77
CA ALA B 70 -24.64 -21.34 7.69
C ALA B 70 -24.24 -21.77 9.11
N ARG B 71 -24.39 -23.06 9.42
CA ARG B 71 -24.06 -23.59 10.74
C ARG B 71 -22.64 -24.19 10.83
N VAL B 72 -21.95 -24.23 9.70
CA VAL B 72 -20.60 -24.82 9.60
C VAL B 72 -19.57 -23.75 9.27
N ASP B 73 -19.92 -22.88 8.32
CA ASP B 73 -19.09 -21.78 7.83
C ASP B 73 -18.48 -20.97 8.97
N PRO B 74 -17.14 -21.05 9.17
CA PRO B 74 -16.47 -20.36 10.28
C PRO B 74 -16.56 -18.84 10.21
N THR B 75 -16.83 -18.27 9.04
CA THR B 75 -16.96 -16.82 8.92
C THR B 75 -18.27 -16.33 9.54
N VAL B 76 -19.29 -17.18 9.52
CA VAL B 76 -20.61 -16.83 10.07
C VAL B 76 -20.50 -16.60 11.58
N SER B 77 -19.98 -17.60 12.31
CA SER B 77 -19.78 -17.47 13.75
C SER B 77 -18.88 -16.26 14.04
N HIS B 78 -17.82 -16.08 13.26
CA HIS B 78 -16.93 -14.93 13.44
C HIS B 78 -17.70 -13.62 13.39
N CYS B 79 -18.60 -13.50 12.41
CA CYS B 79 -19.38 -12.27 12.22
C CYS B 79 -20.25 -11.94 13.45
N THR B 80 -20.73 -12.97 14.15
CA THR B 80 -21.51 -12.76 15.36
C THR B 80 -20.68 -12.25 16.54
N GLN B 81 -19.36 -12.31 16.41
CA GLN B 81 -18.43 -12.00 17.51
C GLN B 81 -17.52 -10.81 17.26
N SER B 82 -17.46 -10.33 16.03
CA SER B 82 -16.45 -9.33 15.69
C SER B 82 -16.91 -8.38 14.60
N VAL B 83 -16.30 -7.20 14.59
CA VAL B 83 -16.43 -6.26 13.47
C VAL B 83 -15.23 -6.32 12.53
N LEU B 84 -14.22 -7.15 12.86
CA LEU B 84 -13.01 -7.22 12.04
C LEU B 84 -13.13 -8.26 10.91
N PRO B 85 -12.43 -8.04 9.79
CA PRO B 85 -12.50 -9.04 8.70
C PRO B 85 -11.89 -10.37 9.12
N ILE B 86 -12.40 -11.45 8.52
CA ILE B 86 -11.79 -12.78 8.65
C ILE B 86 -11.34 -13.23 7.27
N PHE B 87 -10.04 -13.45 7.14
CA PHE B 87 -9.51 -13.91 5.87
C PHE B 87 -9.66 -15.41 5.73
N TRP B 88 -9.91 -15.86 4.51
CA TRP B 88 -10.08 -17.28 4.22
C TRP B 88 -8.71 -17.94 4.17
N GLU B 89 -8.34 -18.52 5.29
CA GLU B 89 -7.04 -19.17 5.47
C GLU B 89 -7.24 -20.52 6.17
N PRO B 90 -6.31 -21.48 5.96
CA PRO B 90 -6.41 -22.80 6.58
C PRO B 90 -6.78 -22.81 8.06
N SER B 91 -6.22 -21.88 8.85
CA SER B 91 -6.43 -21.87 10.30
C SER B 91 -7.88 -21.68 10.77
N ILE B 92 -8.74 -21.10 9.92
CA ILE B 92 -10.14 -20.88 10.28
C ILE B 92 -11.01 -22.12 10.11
N TYR B 93 -10.47 -23.11 9.40
CA TYR B 93 -11.15 -24.40 9.23
C TYR B 93 -10.58 -25.42 10.21
N GLN B 94 -11.30 -25.68 11.30
CA GLN B 94 -10.78 -26.46 12.42
C GLN B 94 -11.27 -27.91 12.43
N THR B 95 -12.57 -28.12 12.23
CA THR B 95 -13.17 -29.46 12.24
C THR B 95 -13.19 -30.06 10.82
N ARG B 96 -13.45 -31.37 10.71
CA ARG B 96 -13.56 -32.00 9.39
C ARG B 96 -14.72 -31.40 8.59
N LYS B 97 -15.83 -31.12 9.28
CA LYS B 97 -16.99 -30.48 8.67
C LYS B 97 -16.60 -29.14 8.04
N GLN B 98 -15.80 -28.35 8.76
CA GLN B 98 -15.34 -27.07 8.25
C GLN B 98 -14.33 -27.22 7.12
N HIS B 99 -13.52 -28.28 7.19
N HIS B 99 -13.52 -28.27 7.17
CA HIS B 99 -12.59 -28.62 6.11
CA HIS B 99 -12.60 -28.56 6.07
C HIS B 99 -13.35 -29.03 4.85
C HIS B 99 -13.36 -29.02 4.83
N GLU B 100 -14.45 -29.75 5.04
CA GLU B 100 -15.33 -30.19 3.95
C GLU B 100 -15.97 -28.98 3.26
N PHE B 101 -16.41 -28.03 4.07
CA PHE B 101 -16.95 -26.76 3.57
C PHE B 101 -15.90 -26.04 2.73
N PHE B 102 -14.68 -25.95 3.25
CA PHE B 102 -13.58 -25.37 2.48
C PHE B 102 -13.38 -26.04 1.12
N GLU B 103 -13.39 -27.38 1.11
CA GLU B 103 -13.17 -28.13 -0.13
C GLU B 103 -14.29 -27.90 -1.15
N GLU B 104 -15.52 -27.82 -0.66
CA GLU B 104 -16.68 -27.62 -1.54
C GLU B 104 -16.69 -26.21 -2.09
N ALA B 105 -16.41 -25.22 -1.24
CA ALA B 105 -16.25 -23.83 -1.69
C ALA B 105 -15.18 -23.73 -2.77
N SER B 106 -14.02 -24.37 -2.52
CA SER B 106 -12.93 -24.43 -3.49
C SER B 106 -13.33 -25.07 -4.82
N ALA B 107 -14.00 -26.21 -4.73
CA ALA B 107 -14.52 -26.90 -5.91
C ALA B 107 -15.43 -26.00 -6.74
N ALA B 108 -16.17 -25.13 -6.04
CA ALA B 108 -17.08 -24.17 -6.68
C ALA B 108 -16.36 -22.97 -7.28
N GLY B 109 -15.07 -22.82 -6.94
CA GLY B 109 -14.22 -21.78 -7.50
C GLY B 109 -13.87 -20.67 -6.52
N LEU B 110 -14.33 -20.83 -5.29
CA LEU B 110 -14.13 -19.83 -4.25
C LEU B 110 -13.10 -20.31 -3.24
N VAL B 111 -11.85 -19.91 -3.46
CA VAL B 111 -10.73 -20.41 -2.67
C VAL B 111 -10.08 -19.33 -1.81
N TYR B 112 -9.82 -18.17 -2.41
CA TYR B 112 -9.19 -17.06 -1.71
C TYR B 112 -10.18 -15.94 -1.52
N GLY B 113 -10.12 -15.30 -0.36
CA GLY B 113 -11.04 -14.23 -0.08
C GLY B 113 -11.06 -13.82 1.36
N LEU B 114 -12.10 -13.05 1.70
CA LEU B 114 -12.32 -12.58 3.06
C LEU B 114 -13.78 -12.30 3.27
N THR B 115 -14.16 -12.25 4.55
CA THR B 115 -15.53 -11.94 4.93
C THR B 115 -15.51 -10.77 5.92
N MET B 116 -16.27 -9.72 5.62
CA MET B 116 -16.35 -8.54 6.45
C MET B 116 -17.67 -8.54 7.20
N PRO B 117 -17.62 -8.62 8.55
CA PRO B 117 -18.88 -8.61 9.30
C PRO B 117 -19.64 -7.32 9.09
N LEU B 118 -20.96 -7.41 9.11
CA LEU B 118 -21.84 -6.23 9.02
C LEU B 118 -22.69 -6.10 10.28
N HIS B 119 -22.58 -4.96 10.96
CA HIS B 119 -23.41 -4.68 12.12
C HIS B 119 -24.00 -3.29 11.98
N GLY B 120 -25.28 -3.24 11.64
CA GLY B 120 -25.93 -1.98 11.32
C GLY B 120 -26.37 -1.21 12.55
N ALA B 121 -26.72 0.04 12.34
CA ALA B 121 -27.14 0.93 13.41
C ALA B 121 -28.48 0.52 14.03
N ARG B 122 -29.28 -0.26 13.30
CA ARG B 122 -30.58 -0.70 13.81
C ARG B 122 -30.59 -2.19 14.14
N GLY B 123 -29.40 -2.76 14.37
CA GLY B 123 -29.31 -4.15 14.76
C GLY B 123 -29.23 -5.14 13.61
N GLU B 124 -29.16 -4.62 12.38
CA GLU B 124 -28.92 -5.45 11.18
C GLU B 124 -27.66 -6.27 11.39
N LEU B 125 -27.70 -7.53 10.96
CA LEU B 125 -26.57 -8.42 11.10
C LEU B 125 -26.29 -9.08 9.76
N GLY B 126 -25.03 -9.05 9.34
CA GLY B 126 -24.71 -9.66 8.07
C GLY B 126 -23.23 -9.84 7.80
N ALA B 127 -22.92 -10.03 6.52
CA ALA B 127 -21.56 -10.25 6.07
C ALA B 127 -21.44 -9.81 4.63
N LEU B 128 -20.29 -9.23 4.31
CA LEU B 128 -19.90 -8.97 2.92
C LEU B 128 -18.69 -9.84 2.63
N SER B 129 -18.90 -10.85 1.79
CA SER B 129 -17.83 -11.77 1.41
C SER B 129 -17.36 -11.48 -0.01
N LEU B 130 -16.05 -11.55 -0.20
CA LEU B 130 -15.47 -11.33 -1.52
C LEU B 130 -14.41 -12.39 -1.80
N SER B 131 -14.41 -12.92 -3.02
CA SER B 131 -13.41 -13.90 -3.42
C SER B 131 -12.60 -13.35 -4.58
N VAL B 132 -11.29 -13.52 -4.49
CA VAL B 132 -10.39 -13.14 -5.57
C VAL B 132 -9.86 -14.37 -6.30
N GLU B 133 -9.98 -14.35 -7.63
CA GLU B 133 -9.45 -15.42 -8.47
C GLU B 133 -7.95 -15.25 -8.65
N ALA B 134 -7.22 -15.60 -7.59
CA ALA B 134 -5.77 -15.47 -7.56
C ALA B 134 -5.10 -16.79 -7.94
N GLU B 135 -3.85 -16.68 -8.39
CA GLU B 135 -3.04 -17.83 -8.78
C GLU B 135 -2.69 -18.73 -7.60
N ASN B 136 -2.40 -18.12 -6.46
CA ASN B 136 -1.99 -18.83 -5.24
C ASN B 136 -2.18 -17.96 -3.99
N ARG B 137 -1.93 -18.53 -2.82
CA ARG B 137 -2.14 -17.84 -1.53
C ARG B 137 -1.28 -16.59 -1.35
N ALA B 138 -0.03 -16.64 -1.81
CA ALA B 138 0.88 -15.51 -1.71
C ALA B 138 0.39 -14.33 -2.56
N GLU B 139 -0.04 -14.63 -3.78
CA GLU B 139 -0.59 -13.63 -4.68
C GLU B 139 -1.91 -13.08 -4.15
N ALA B 140 -2.73 -13.94 -3.55
CA ALA B 140 -4.00 -13.54 -2.98
C ALA B 140 -3.81 -12.53 -1.86
N ASN B 141 -2.91 -12.86 -0.93
CA ASN B 141 -2.61 -12.02 0.23
C ASN B 141 -2.03 -10.66 -0.16
N ARG B 142 -1.13 -10.65 -1.15
CA ARG B 142 -0.53 -9.42 -1.65
C ARG B 142 -1.59 -8.49 -2.21
N PHE B 143 -2.47 -9.06 -3.04
CA PHE B 143 -3.56 -8.32 -3.61
C PHE B 143 -4.48 -7.75 -2.52
N MET B 144 -4.88 -8.60 -1.58
CA MET B 144 -5.81 -8.23 -0.53
C MET B 144 -5.28 -7.13 0.40
N GLU B 145 -3.97 -7.12 0.63
CA GLU B 145 -3.34 -6.09 1.44
C GLU B 145 -3.39 -4.73 0.75
N SER B 146 -3.23 -4.74 -0.58
CA SER B 146 -3.21 -3.51 -1.37
C SER B 146 -4.60 -2.88 -1.53
N VAL B 147 -5.64 -3.67 -1.32
CA VAL B 147 -7.02 -3.17 -1.47
C VAL B 147 -7.78 -3.04 -0.15
N LEU B 148 -7.24 -3.60 0.93
CA LEU B 148 -7.97 -3.70 2.20
C LEU B 148 -8.55 -2.39 2.76
N PRO B 149 -7.77 -1.29 2.77
CA PRO B 149 -8.36 -0.05 3.31
C PRO B 149 -9.60 0.39 2.52
N THR B 150 -9.55 0.25 1.19
CA THR B 150 -10.69 0.56 0.33
C THR B 150 -11.88 -0.35 0.64
N LEU B 151 -11.61 -1.65 0.77
CA LEU B 151 -12.68 -2.61 1.08
C LEU B 151 -13.30 -2.32 2.44
N TRP B 152 -12.49 -1.86 3.38
CA TRP B 152 -12.95 -1.57 4.73
C TRP B 152 -13.98 -0.42 4.72
N MET B 153 -13.74 0.59 3.89
CA MET B 153 -14.71 1.65 3.70
C MET B 153 -15.92 1.09 2.96
N LEU B 154 -15.65 0.27 1.95
CA LEU B 154 -16.72 -0.28 1.11
C LEU B 154 -17.78 -1.00 1.92
N LYS B 155 -17.36 -1.82 2.87
CA LYS B 155 -18.31 -2.64 3.62
C LYS B 155 -19.31 -1.77 4.40
N ASP B 156 -18.84 -0.64 4.93
CA ASP B 156 -19.75 0.23 5.69
C ASP B 156 -20.71 1.01 4.80
N TYR B 157 -20.23 1.48 3.66
CA TYR B 157 -21.13 2.10 2.68
C TYR B 157 -22.17 1.11 2.17
N ALA B 158 -21.73 -0.10 1.83
CA ALA B 158 -22.65 -1.16 1.42
C ALA B 158 -23.69 -1.46 2.49
N LEU B 159 -23.24 -1.56 3.75
CA LEU B 159 -24.13 -1.79 4.86
C LEU B 159 -25.19 -0.68 5.02
N GLN B 160 -24.74 0.57 5.02
CA GLN B 160 -25.66 1.68 5.29
C GLN B 160 -26.71 1.78 4.19
N SER B 161 -26.25 1.68 2.94
CA SER B 161 -27.15 1.75 1.78
C SER B 161 -28.02 0.51 1.61
N GLY B 162 -27.41 -0.67 1.75
CA GLY B 162 -28.15 -1.93 1.64
C GLY B 162 -29.24 -2.07 2.67
N ALA B 163 -28.97 -1.68 3.91
CA ALA B 163 -29.96 -1.72 4.98
C ALA B 163 -31.16 -0.83 4.66
N GLY B 164 -30.90 0.37 4.15
CA GLY B 164 -31.95 1.31 3.76
C GLY B 164 -32.81 0.78 2.61
N LEU B 165 -32.15 0.13 1.66
CA LEU B 165 -32.78 -0.47 0.50
C LEU B 165 -33.55 -1.73 0.90
N ALA B 166 -32.96 -2.54 1.77
CA ALA B 166 -33.49 -3.85 2.14
C ALA B 166 -34.68 -3.81 3.09
N PHE B 167 -34.68 -2.90 4.05
CA PHE B 167 -35.65 -2.98 5.14
C PHE B 167 -36.58 -1.76 5.30
N GLU B 168 -36.40 -0.77 4.41
CA GLU B 168 -37.36 0.34 4.27
C GLU B 168 -37.54 0.72 2.80
N LEU C 3 30.61 8.24 -14.55
CA LEU C 3 30.01 7.50 -13.40
C LEU C 3 30.79 6.23 -13.07
N VAL C 4 31.25 5.54 -14.10
CA VAL C 4 32.03 4.31 -13.94
C VAL C 4 33.30 4.60 -13.14
N ASP C 5 33.96 5.71 -13.47
CA ASP C 5 35.11 6.22 -12.72
C ASP C 5 34.76 6.47 -11.25
N GLY C 6 33.62 7.13 -11.03
CA GLY C 6 33.13 7.41 -9.67
C GLY C 6 32.83 6.14 -8.90
N PHE C 7 32.14 5.20 -9.55
CA PHE C 7 31.85 3.89 -8.97
C PHE C 7 33.13 3.19 -8.56
N LEU C 8 34.13 3.26 -9.44
CA LEU C 8 35.45 2.69 -9.18
C LEU C 8 36.08 3.29 -7.92
N GLU C 9 36.00 4.61 -7.79
CA GLU C 9 36.51 5.33 -6.62
C GLU C 9 35.80 4.90 -5.34
N LEU C 10 34.48 4.77 -5.42
CA LEU C 10 33.67 4.32 -4.29
C LEU C 10 34.11 2.93 -3.81
N GLU C 11 34.34 2.03 -4.76
CA GLU C 11 34.81 0.68 -4.46
C GLU C 11 36.19 0.73 -3.81
N ARG C 12 37.05 1.61 -4.32
CA ARG C 12 38.44 1.76 -3.86
C ARG C 12 38.59 2.60 -2.60
N SER C 13 37.51 3.24 -2.14
CA SER C 13 37.61 4.18 -1.01
C SER C 13 37.91 3.48 0.33
N SER C 14 38.57 4.21 1.22
CA SER C 14 39.10 3.67 2.47
C SER C 14 38.04 3.28 3.52
N GLY C 15 36.83 3.82 3.38
CA GLY C 15 35.73 3.52 4.30
C GLY C 15 34.53 4.41 4.04
N LYS C 16 33.59 4.44 4.99
CA LYS C 16 32.35 5.21 4.84
C LYS C 16 32.55 6.72 4.78
N LEU C 17 33.58 7.22 5.44
CA LEU C 17 33.91 8.66 5.43
C LEU C 17 34.23 9.13 4.02
N GLU C 18 35.19 8.45 3.38
CA GLU C 18 35.64 8.78 2.03
C GLU C 18 34.57 8.42 0.99
N TRP C 19 33.92 7.27 1.20
CA TRP C 19 32.81 6.86 0.32
C TRP C 19 31.78 7.97 0.24
N SER C 20 31.32 8.43 1.40
CA SER C 20 30.37 9.53 1.51
C SER C 20 30.86 10.79 0.80
N ALA C 21 32.14 11.14 1.00
CA ALA C 21 32.73 12.33 0.38
C ALA C 21 32.69 12.28 -1.14
N ILE C 22 33.01 11.11 -1.70
CA ILE C 22 32.99 10.92 -3.15
C ILE C 22 31.57 11.09 -3.72
N LEU C 23 30.60 10.45 -3.09
CA LEU C 23 29.20 10.52 -3.54
C LEU C 23 28.66 11.95 -3.46
N GLN C 24 28.95 12.62 -2.35
CA GLN C 24 28.62 14.04 -2.18
C GLN C 24 29.21 14.88 -3.30
N LYS C 25 30.46 14.64 -3.66
CA LYS C 25 31.11 15.37 -4.75
C LYS C 25 30.46 15.05 -6.10
N MET C 26 30.16 13.78 -6.33
CA MET C 26 29.51 13.36 -7.57
C MET C 26 28.17 14.07 -7.72
N ALA C 27 27.41 14.14 -6.63
CA ALA C 27 26.11 14.81 -6.61
C ALA C 27 26.27 16.32 -6.80
N SER C 28 27.29 16.89 -6.16
CA SER C 28 27.61 18.31 -6.29
C SER C 28 28.02 18.69 -7.72
N ASP C 29 28.89 17.88 -8.33
CA ASP C 29 29.30 18.09 -9.73
C ASP C 29 28.10 18.03 -10.70
N LEU C 30 27.13 17.19 -10.36
CA LEU C 30 25.93 17.04 -11.17
C LEU C 30 24.99 18.24 -11.03
N GLY C 31 25.16 19.00 -9.95
CA GLY C 31 24.42 20.25 -9.73
C GLY C 31 23.52 20.23 -8.50
N PHE C 32 23.54 19.13 -7.77
CA PHE C 32 22.74 19.03 -6.55
C PHE C 32 23.47 19.63 -5.36
N SER C 33 22.70 20.09 -4.38
CA SER C 33 23.27 20.77 -3.22
C SER C 33 23.62 19.79 -2.10
N LYS C 34 22.59 19.20 -1.48
CA LYS C 34 22.80 18.28 -0.37
C LYS C 34 22.21 16.92 -0.71
N ILE C 35 22.81 15.87 -0.16
CA ILE C 35 22.33 14.51 -0.39
C ILE C 35 22.32 13.69 0.90
N LEU C 36 21.47 12.67 0.91
CA LEU C 36 21.43 11.71 1.97
C LEU C 36 21.19 10.32 1.38
N PHE C 37 22.09 9.40 1.70
CA PHE C 37 22.03 8.01 1.25
C PHE C 37 21.73 7.18 2.49
N GLY C 38 20.57 6.54 2.52
CA GLY C 38 20.15 5.76 3.69
C GLY C 38 19.79 4.35 3.23
N LEU C 39 20.30 3.36 3.95
CA LEU C 39 20.13 1.98 3.56
C LEU C 39 20.03 1.10 4.78
N LEU C 40 19.06 0.20 4.77
CA LEU C 40 18.84 -0.80 5.82
C LEU C 40 19.09 -2.19 5.26
N PRO C 41 19.52 -3.14 6.12
CA PRO C 41 19.62 -4.52 5.65
C PRO C 41 18.25 -5.16 5.46
N LYS C 42 18.24 -6.33 4.83
CA LYS C 42 17.01 -7.11 4.60
C LYS C 42 16.26 -7.39 5.90
N ASP C 43 14.94 -7.24 5.85
CA ASP C 43 14.04 -7.51 6.99
C ASP C 43 14.38 -6.69 8.24
N SER C 44 14.53 -5.38 8.05
CA SER C 44 14.85 -4.48 9.16
C SER C 44 13.60 -4.11 9.96
N GLN C 45 13.64 -4.46 11.24
CA GLN C 45 12.55 -4.18 12.17
C GLN C 45 12.52 -2.68 12.52
N ASP C 46 13.72 -2.11 12.68
CA ASP C 46 13.87 -0.71 13.06
C ASP C 46 14.95 -0.02 12.21
N TYR C 47 15.75 0.83 12.85
CA TYR C 47 16.80 1.57 12.16
C TYR C 47 18.17 1.40 12.84
N GLU C 48 18.28 0.41 13.73
CA GLU C 48 19.50 0.20 14.52
C GLU C 48 20.72 -0.16 13.66
N ASN C 49 20.49 -0.90 12.57
CA ASN C 49 21.56 -1.29 11.66
C ASN C 49 21.63 -0.45 10.39
N ALA C 50 20.99 0.72 10.42
CA ALA C 50 20.96 1.62 9.26
C ALA C 50 22.33 2.14 8.88
N PHE C 51 22.52 2.32 7.58
CA PHE C 51 23.68 2.99 7.04
C PHE C 51 23.19 4.30 6.46
N ILE C 52 23.35 5.38 7.21
CA ILE C 52 22.88 6.69 6.76
C ILE C 52 24.07 7.64 6.69
N VAL C 53 24.23 8.24 5.52
CA VAL C 53 25.43 8.92 5.13
C VAL C 53 25.09 10.09 4.21
N GLY C 54 25.77 11.22 4.38
CA GLY C 54 25.57 12.37 3.51
C GLY C 54 25.91 13.71 4.14
N ASN C 55 25.41 14.78 3.55
CA ASN C 55 25.70 16.14 4.02
C ASN C 55 24.46 16.99 4.34
N TYR C 56 23.37 16.32 4.71
CA TYR C 56 22.21 17.01 5.30
C TYR C 56 22.65 17.65 6.60
N PRO C 57 22.11 18.83 6.93
CA PRO C 57 22.51 19.50 8.17
C PRO C 57 22.22 18.65 9.41
N ALA C 58 23.12 18.74 10.39
CA ALA C 58 23.04 17.97 11.62
C ALA C 58 21.74 18.24 12.40
N ALA C 59 21.36 19.51 12.50
CA ALA C 59 20.15 19.90 13.22
C ALA C 59 18.91 19.17 12.67
N TRP C 60 18.83 19.10 11.34
CA TRP C 60 17.71 18.47 10.64
C TRP C 60 17.71 16.94 10.81
N ARG C 61 18.89 16.33 10.69
CA ARG C 61 19.05 14.90 10.97
C ARG C 61 18.55 14.53 12.38
N GLU C 62 18.95 15.32 13.37
CA GLU C 62 18.55 15.09 14.75
C GLU C 62 17.04 15.22 14.94
N HIS C 63 16.48 16.28 14.36
CA HIS C 63 15.06 16.59 14.51
C HIS C 63 14.20 15.53 13.84
N TYR C 64 14.56 15.17 12.61
CA TYR C 64 13.91 14.09 11.87
C TYR C 64 13.83 12.83 12.73
N ASP C 65 14.96 12.47 13.34
CA ASP C 65 15.03 11.31 14.23
C ASP C 65 14.12 11.45 15.45
N ARG C 66 14.28 12.55 16.17
CA ARG C 66 13.51 12.81 17.40
C ARG C 66 12.00 12.89 17.14
N ALA C 67 11.62 13.48 16.02
CA ALA C 67 10.20 13.66 15.68
C ALA C 67 9.58 12.39 15.09
N GLY C 68 10.41 11.39 14.82
CA GLY C 68 9.95 10.13 14.21
C GLY C 68 9.43 10.33 12.79
N TYR C 69 10.07 11.24 12.04
CA TYR C 69 9.57 11.56 10.71
C TYR C 69 9.72 10.43 9.69
N ALA C 70 10.56 9.44 9.98
CA ALA C 70 10.71 8.28 9.09
C ALA C 70 9.37 7.58 8.86
N ARG C 71 8.46 7.73 9.83
CA ARG C 71 7.13 7.12 9.75
C ARG C 71 6.11 8.05 9.09
N VAL C 72 6.53 9.29 8.83
CA VAL C 72 5.68 10.35 8.30
C VAL C 72 6.07 10.67 6.85
N ASP C 73 7.37 10.81 6.63
CA ASP C 73 7.94 11.19 5.35
C ASP C 73 7.25 10.43 4.21
N PRO C 74 6.62 11.17 3.26
CA PRO C 74 5.93 10.51 2.15
C PRO C 74 6.90 9.84 1.16
N THR C 75 8.17 10.27 1.16
CA THR C 75 9.14 9.70 0.24
C THR C 75 9.58 8.32 0.74
N VAL C 76 9.73 8.19 2.06
CA VAL C 76 10.08 6.92 2.69
C VAL C 76 8.99 5.88 2.42
N SER C 77 7.73 6.23 2.69
CA SER C 77 6.61 5.33 2.39
C SER C 77 6.59 4.97 0.90
N HIS C 78 6.83 5.96 0.03
CA HIS C 78 6.91 5.67 -1.40
C HIS C 78 7.99 4.63 -1.73
N CYS C 79 9.13 4.75 -1.07
CA CYS C 79 10.27 3.85 -1.31
C CYS C 79 9.95 2.38 -0.96
N THR C 80 9.05 2.17 -0.01
CA THR C 80 8.67 0.81 0.37
C THR C 80 7.79 0.14 -0.69
N GLN C 81 7.26 0.96 -1.61
CA GLN C 81 6.27 0.51 -2.59
C GLN C 81 6.73 0.57 -4.05
N SER C 82 7.81 1.32 -4.30
CA SER C 82 8.19 1.63 -5.68
C SER C 82 9.71 1.67 -5.89
N VAL C 83 10.11 1.50 -7.15
CA VAL C 83 11.50 1.73 -7.58
C VAL C 83 11.65 3.06 -8.33
N LEU C 84 10.56 3.79 -8.51
CA LEU C 84 10.60 5.01 -9.31
C LEU C 84 10.90 6.23 -8.44
N PRO C 85 11.52 7.28 -9.01
CA PRO C 85 11.79 8.49 -8.23
C PRO C 85 10.51 9.17 -7.79
N ILE C 86 10.54 9.82 -6.62
CA ILE C 86 9.46 10.68 -6.18
C ILE C 86 10.02 12.09 -6.00
N PHE C 87 9.49 13.02 -6.78
CA PHE C 87 9.89 14.42 -6.70
C PHE C 87 9.20 15.11 -5.54
N TRP C 88 9.91 16.06 -4.92
CA TRP C 88 9.38 16.76 -3.75
C TRP C 88 8.37 17.83 -4.16
N GLU C 89 7.25 17.38 -4.73
CA GLU C 89 6.19 18.29 -5.16
C GLU C 89 5.22 18.47 -3.98
N PRO C 90 4.63 19.68 -3.86
CA PRO C 90 3.72 19.94 -2.74
C PRO C 90 2.60 18.90 -2.60
N SER C 91 2.20 18.31 -3.73
CA SER C 91 1.12 17.31 -3.75
C SER C 91 1.44 15.99 -3.03
N ILE C 92 2.70 15.73 -2.72
CA ILE C 92 3.06 14.51 -1.97
C ILE C 92 2.82 14.65 -0.47
N TYR C 93 2.58 15.87 -0.01
CA TYR C 93 2.35 16.14 1.41
C TYR C 93 0.86 16.33 1.70
N GLN C 94 0.21 15.24 2.11
CA GLN C 94 -1.25 15.20 2.13
C GLN C 94 -1.82 15.22 3.54
N THR C 95 -1.24 14.42 4.42
CA THR C 95 -1.69 14.34 5.82
C THR C 95 -1.17 15.54 6.62
N ARG C 96 -1.81 15.83 7.75
CA ARG C 96 -1.34 16.94 8.58
C ARG C 96 0.12 16.77 9.01
N LYS C 97 0.49 15.54 9.37
CA LYS C 97 1.87 15.25 9.76
C LYS C 97 2.83 15.46 8.60
N GLN C 98 2.40 15.08 7.40
CA GLN C 98 3.21 15.27 6.18
C GLN C 98 3.37 16.75 5.84
N HIS C 99 2.31 17.53 6.05
CA HIS C 99 2.41 18.98 5.84
CA HIS C 99 2.42 18.97 5.83
C HIS C 99 3.35 19.61 6.86
N GLU C 100 3.30 19.11 8.09
CA GLU C 100 4.19 19.56 9.15
C GLU C 100 5.64 19.27 8.75
N PHE C 101 5.86 18.07 8.25
CA PHE C 101 7.17 17.64 7.75
C PHE C 101 7.66 18.56 6.62
N PHE C 102 6.77 18.88 5.68
CA PHE C 102 7.12 19.81 4.61
C PHE C 102 7.62 21.15 5.16
N GLU C 103 6.88 21.68 6.14
CA GLU C 103 7.21 22.97 6.74
C GLU C 103 8.56 22.95 7.45
N GLU C 104 8.81 21.88 8.20
CA GLU C 104 10.05 21.73 8.96
C GLU C 104 11.25 21.52 8.04
N ALA C 105 11.07 20.71 7.01
CA ALA C 105 12.14 20.49 6.03
C ALA C 105 12.47 21.79 5.31
N SER C 106 11.43 22.53 4.95
CA SER C 106 11.59 23.83 4.31
C SER C 106 12.32 24.84 5.20
N ALA C 107 12.01 24.81 6.50
CA ALA C 107 12.68 25.68 7.46
C ALA C 107 14.15 25.31 7.58
N ALA C 108 14.44 24.01 7.44
CA ALA C 108 15.81 23.50 7.44
C ALA C 108 16.55 23.77 6.12
N GLY C 109 15.86 24.34 5.15
CA GLY C 109 16.46 24.75 3.87
C GLY C 109 16.27 23.74 2.74
N LEU C 110 15.51 22.69 3.01
CA LEU C 110 15.29 21.62 2.04
C LEU C 110 13.87 21.68 1.50
N VAL C 111 13.72 22.18 0.29
CA VAL C 111 12.42 22.39 -0.33
C VAL C 111 12.29 21.72 -1.71
N TYR C 112 13.29 21.91 -2.57
CA TYR C 112 13.28 21.29 -3.89
C TYR C 112 14.25 20.12 -3.94
N GLY C 113 13.81 19.06 -4.60
CA GLY C 113 14.59 17.83 -4.70
C GLY C 113 13.80 16.62 -5.11
N LEU C 114 14.39 15.45 -4.92
CA LEU C 114 13.75 14.19 -5.24
C LEU C 114 14.37 13.07 -4.42
N THR C 115 13.67 11.94 -4.36
CA THR C 115 14.15 10.78 -3.64
C THR C 115 14.10 9.58 -4.57
N MET C 116 15.23 8.90 -4.71
CA MET C 116 15.32 7.67 -5.48
C MET C 116 15.28 6.47 -4.54
N PRO C 117 14.26 5.60 -4.67
CA PRO C 117 14.25 4.40 -3.83
C PRO C 117 15.43 3.49 -4.13
N LEU C 118 15.88 2.75 -3.10
CA LEU C 118 16.97 1.79 -3.26
C LEU C 118 16.49 0.41 -2.87
N HIS C 119 16.62 -0.54 -3.79
CA HIS C 119 16.25 -1.93 -3.53
C HIS C 119 17.37 -2.83 -4.04
N GLY C 120 18.15 -3.34 -3.10
CA GLY C 120 19.36 -4.11 -3.42
C GLY C 120 19.08 -5.56 -3.78
N ALA C 121 20.07 -6.19 -4.41
CA ALA C 121 19.97 -7.59 -4.85
C ALA C 121 19.84 -8.56 -3.68
N ARG C 122 20.23 -8.11 -2.49
CA ARG C 122 20.14 -8.94 -1.30
C ARG C 122 19.05 -8.47 -0.34
N GLY C 123 18.09 -7.70 -0.86
CA GLY C 123 16.97 -7.21 -0.08
C GLY C 123 17.23 -5.96 0.74
N GLU C 124 18.35 -5.29 0.48
CA GLU C 124 18.66 -4.01 1.12
C GLU C 124 17.60 -2.99 0.73
N LEU C 125 17.22 -2.16 1.69
CA LEU C 125 16.11 -1.23 1.50
C LEU C 125 16.53 0.19 1.87
N GLY C 126 16.31 1.14 0.96
CA GLY C 126 16.70 2.51 1.26
C GLY C 126 16.28 3.57 0.28
N ALA C 127 16.98 4.69 0.35
CA ALA C 127 16.65 5.88 -0.41
C ALA C 127 17.89 6.74 -0.62
N LEU C 128 17.99 7.33 -1.80
CA LEU C 128 18.97 8.37 -2.03
C LEU C 128 18.21 9.65 -2.30
N SER C 129 18.34 10.61 -1.39
CA SER C 129 17.65 11.89 -1.55
C SER C 129 18.61 12.99 -1.90
N LEU C 130 18.20 13.85 -2.81
CA LEU C 130 19.04 14.95 -3.28
C LEU C 130 18.22 16.24 -3.32
N SER C 131 18.77 17.31 -2.75
CA SER C 131 18.11 18.62 -2.80
C SER C 131 18.77 19.50 -3.84
N VAL C 132 18.00 20.44 -4.39
CA VAL C 132 18.53 21.36 -5.38
C VAL C 132 18.21 22.80 -4.98
N GLU C 133 19.21 23.66 -5.09
CA GLU C 133 19.07 25.09 -4.86
C GLU C 133 18.58 25.72 -6.15
N ALA C 134 17.47 26.47 -6.07
CA ALA C 134 16.83 27.11 -7.22
C ALA C 134 16.02 28.33 -6.80
N GLU C 135 15.71 29.19 -7.78
CA GLU C 135 14.88 30.37 -7.55
C GLU C 135 13.41 30.02 -7.29
N ASN C 136 12.93 28.97 -7.94
CA ASN C 136 11.57 28.47 -7.78
C ASN C 136 11.50 26.98 -8.14
N ARG C 137 10.33 26.39 -7.93
CA ARG C 137 10.13 24.95 -8.19
C ARG C 137 10.20 24.60 -9.68
N ALA C 138 9.71 25.50 -10.53
CA ALA C 138 9.79 25.32 -11.98
C ALA C 138 11.24 25.20 -12.44
N GLU C 139 12.10 26.10 -11.95
CA GLU C 139 13.53 26.07 -12.25
C GLU C 139 14.18 24.79 -11.73
N ALA C 140 13.79 24.40 -10.52
CA ALA C 140 14.28 23.17 -9.90
C ALA C 140 13.90 21.95 -10.73
N ASN C 141 12.65 21.91 -11.19
CA ASN C 141 12.13 20.80 -11.98
C ASN C 141 12.79 20.69 -13.35
N ARG C 142 13.12 21.82 -13.95
CA ARG C 142 13.84 21.85 -15.23
C ARG C 142 15.25 21.27 -15.08
N PHE C 143 15.95 21.68 -14.02
CA PHE C 143 17.28 21.14 -13.74
C PHE C 143 17.22 19.63 -13.51
N MET C 144 16.29 19.20 -12.65
CA MET C 144 16.16 17.79 -12.29
C MET C 144 15.84 16.93 -13.51
N GLU C 145 14.96 17.42 -14.38
CA GLU C 145 14.62 16.70 -15.60
C GLU C 145 15.84 16.54 -16.50
N SER C 146 16.69 17.56 -16.54
CA SER C 146 17.87 17.55 -17.41
C SER C 146 18.95 16.56 -16.96
N VAL C 147 19.04 16.30 -15.65
CA VAL C 147 20.05 15.36 -15.14
C VAL C 147 19.49 14.01 -14.69
N LEU C 148 18.19 13.82 -14.87
CA LEU C 148 17.53 12.59 -14.38
C LEU C 148 18.15 11.28 -14.90
N PRO C 149 18.45 11.17 -16.22
CA PRO C 149 19.06 9.92 -16.67
C PRO C 149 20.40 9.60 -16.00
N THR C 150 21.22 10.62 -15.74
CA THR C 150 22.50 10.42 -15.03
C THR C 150 22.29 10.01 -13.57
N LEU C 151 21.37 10.70 -12.87
CA LEU C 151 21.03 10.37 -11.49
C LEU C 151 20.50 8.95 -11.40
N TRP C 152 19.69 8.56 -12.37
CA TRP C 152 19.06 7.24 -12.37
C TRP C 152 20.12 6.13 -12.39
N MET C 153 21.18 6.35 -13.16
CA MET C 153 22.32 5.44 -13.16
C MET C 153 23.08 5.53 -11.85
N LEU C 154 23.37 6.75 -11.40
CA LEU C 154 24.12 6.99 -10.17
C LEU C 154 23.52 6.29 -8.95
N LYS C 155 22.20 6.34 -8.79
CA LYS C 155 21.57 5.73 -7.61
C LYS C 155 21.84 4.23 -7.52
N ASP C 156 21.89 3.56 -8.68
CA ASP C 156 22.17 2.12 -8.70
C ASP C 156 23.64 1.81 -8.45
N TYR C 157 24.54 2.61 -9.04
CA TYR C 157 25.96 2.52 -8.70
C TYR C 157 26.20 2.72 -7.19
N ALA C 158 25.55 3.75 -6.63
CA ALA C 158 25.66 4.04 -5.20
C ALA C 158 25.12 2.91 -4.34
N LEU C 159 23.98 2.36 -4.75
CA LEU C 159 23.39 1.22 -4.08
C LEU C 159 24.33 0.00 -4.10
N GLN C 160 24.84 -0.34 -5.27
CA GLN C 160 25.70 -1.51 -5.40
C GLN C 160 26.98 -1.36 -4.57
N SER C 161 27.61 -0.19 -4.65
CA SER C 161 28.83 0.06 -3.90
C SER C 161 28.55 0.18 -2.41
N GLY C 162 27.50 0.94 -2.08
CA GLY C 162 27.16 1.22 -0.68
C GLY C 162 26.77 0.01 0.14
N ALA C 163 25.98 -0.87 -0.46
CA ALA C 163 25.50 -2.08 0.22
C ALA C 163 26.66 -2.97 0.67
N GLY C 164 27.67 -3.09 -0.19
CA GLY C 164 28.88 -3.87 0.12
C GLY C 164 29.68 -3.29 1.26
N LEU C 165 29.75 -1.96 1.32
CA LEU C 165 30.43 -1.26 2.41
C LEU C 165 29.62 -1.30 3.71
N ALA C 166 28.31 -1.10 3.59
CA ALA C 166 27.43 -1.05 4.75
C ALA C 166 27.34 -2.38 5.48
N PHE C 167 27.29 -3.48 4.74
CA PHE C 167 26.89 -4.77 5.31
C PHE C 167 27.87 -5.92 5.08
N GLU C 168 29.04 -5.61 4.55
CA GLU C 168 30.08 -6.63 4.34
C GLU C 168 31.44 -6.15 4.84
N LEU D 3 8.95 8.31 -22.95
CA LEU D 3 9.36 7.20 -22.03
C LEU D 3 8.46 7.14 -20.79
N VAL D 4 8.25 8.28 -20.13
CA VAL D 4 7.26 8.37 -19.06
C VAL D 4 5.87 8.18 -19.70
N ASP D 5 5.72 8.67 -20.93
CA ASP D 5 4.56 8.39 -21.78
C ASP D 5 4.39 6.88 -21.95
N GLY D 6 5.49 6.19 -22.24
CA GLY D 6 5.49 4.74 -22.40
C GLY D 6 5.04 4.01 -21.15
N PHE D 7 5.58 4.43 -20.00
CA PHE D 7 5.16 3.89 -18.70
C PHE D 7 3.66 4.14 -18.47
N LEU D 8 3.22 5.35 -18.82
CA LEU D 8 1.82 5.72 -18.73
C LEU D 8 0.96 4.79 -19.58
N GLU D 9 1.42 4.49 -20.80
CA GLU D 9 0.74 3.56 -21.69
C GLU D 9 0.70 2.14 -21.13
N LEU D 10 1.80 1.73 -20.49
CA LEU D 10 1.90 0.42 -19.84
C LEU D 10 0.89 0.30 -18.70
N GLU D 11 0.76 1.39 -17.94
CA GLU D 11 -0.21 1.47 -16.85
C GLU D 11 -1.65 1.57 -17.37
N ARG D 12 -1.85 2.38 -18.41
CA ARG D 12 -3.17 2.56 -19.03
C ARG D 12 -3.68 1.28 -19.71
N SER D 13 -2.75 0.48 -20.23
CA SER D 13 -3.08 -0.84 -20.76
C SER D 13 -3.32 -1.80 -19.61
N SER D 14 -4.13 -2.83 -19.84
CA SER D 14 -4.38 -3.85 -18.84
C SER D 14 -4.48 -5.23 -19.49
N GLY D 15 -3.37 -5.97 -19.45
CA GLY D 15 -3.29 -7.31 -20.01
C GLY D 15 -1.87 -7.70 -20.38
N LYS D 16 -1.49 -8.91 -19.98
CA LYS D 16 -0.17 -9.50 -20.23
C LYS D 16 0.32 -9.30 -21.67
N LEU D 17 -0.59 -9.45 -22.61
CA LEU D 17 -0.28 -9.42 -24.03
C LEU D 17 -0.04 -7.99 -24.56
N GLU D 18 -0.94 -7.08 -24.21
CA GLU D 18 -0.84 -5.66 -24.60
C GLU D 18 0.35 -4.96 -23.94
N TRP D 19 0.57 -5.27 -22.66
CA TRP D 19 1.70 -4.73 -21.89
C TRP D 19 3.02 -5.05 -22.60
N SER D 20 3.19 -6.31 -22.96
CA SER D 20 4.41 -6.78 -23.62
C SER D 20 4.61 -6.12 -24.99
N ALA D 21 3.54 -5.97 -25.76
CA ALA D 21 3.60 -5.33 -27.07
C ALA D 21 4.08 -3.89 -26.98
N ILE D 22 3.59 -3.18 -25.95
CA ILE D 22 4.05 -1.83 -25.65
C ILE D 22 5.54 -1.81 -25.28
N LEU D 23 5.94 -2.65 -24.32
CA LEU D 23 7.35 -2.71 -23.91
C LEU D 23 8.28 -3.01 -25.10
N GLN D 24 7.87 -3.96 -25.94
CA GLN D 24 8.65 -4.34 -27.13
C GLN D 24 8.84 -3.17 -28.09
N LYS D 25 7.80 -2.36 -28.25
CA LYS D 25 7.84 -1.22 -29.16
C LYS D 25 8.77 -0.12 -28.63
N MET D 26 8.73 0.12 -27.33
CA MET D 26 9.63 1.07 -26.68
C MET D 26 11.09 0.66 -26.90
N ALA D 27 11.36 -0.63 -26.73
CA ALA D 27 12.71 -1.17 -26.94
C ALA D 27 13.11 -1.06 -28.41
N SER D 28 12.19 -1.42 -29.31
CA SER D 28 12.42 -1.33 -30.75
C SER D 28 12.69 0.10 -31.19
N ASP D 29 11.90 1.04 -30.67
CA ASP D 29 12.10 2.47 -30.95
C ASP D 29 13.46 2.96 -30.48
N LEU D 30 13.97 2.35 -29.41
CA LEU D 30 15.30 2.66 -28.89
C LEU D 30 16.42 1.95 -29.67
N GLY D 31 16.05 0.95 -30.47
CA GLY D 31 17.00 0.26 -31.34
C GLY D 31 17.31 -1.20 -31.00
N PHE D 32 16.47 -1.82 -30.16
CA PHE D 32 16.64 -3.22 -29.78
C PHE D 32 15.48 -4.07 -30.29
N SER D 33 15.76 -4.93 -31.28
CA SER D 33 14.72 -5.72 -31.93
C SER D 33 14.18 -6.89 -31.08
N LYS D 34 14.94 -7.34 -30.09
CA LYS D 34 14.50 -8.47 -29.27
C LYS D 34 14.68 -8.20 -27.77
N ILE D 35 13.63 -8.44 -27.00
CA ILE D 35 13.68 -8.25 -25.56
C ILE D 35 13.00 -9.38 -24.80
N LEU D 36 13.43 -9.59 -23.56
CA LEU D 36 12.75 -10.49 -22.64
C LEU D 36 12.70 -9.90 -21.24
N PHE D 37 11.49 -9.84 -20.71
CA PHE D 37 11.23 -9.37 -19.35
C PHE D 37 10.83 -10.59 -18.55
N GLY D 38 11.65 -10.96 -17.56
CA GLY D 38 11.40 -12.11 -16.71
C GLY D 38 11.40 -11.73 -15.24
N LEU D 39 10.39 -12.18 -14.50
CA LEU D 39 10.24 -11.78 -13.11
C LEU D 39 9.70 -12.91 -12.23
N LEU D 40 10.33 -13.09 -11.07
CA LEU D 40 9.92 -14.07 -10.08
C LEU D 40 9.37 -13.37 -8.85
N PRO D 41 8.39 -13.97 -8.17
CA PRO D 41 7.90 -13.39 -6.92
C PRO D 41 8.88 -13.61 -5.79
N LYS D 42 8.75 -12.81 -4.72
CA LYS D 42 9.59 -12.92 -3.53
C LYS D 42 9.66 -14.36 -3.02
N ASP D 43 10.88 -14.84 -2.78
CA ASP D 43 11.13 -16.20 -2.28
C ASP D 43 10.62 -17.29 -3.22
N SER D 44 11.23 -17.40 -4.39
CA SER D 44 10.89 -18.44 -5.35
C SER D 44 11.93 -19.55 -5.37
N GLN D 45 11.46 -20.78 -5.23
CA GLN D 45 12.34 -21.95 -5.24
C GLN D 45 12.76 -22.30 -6.67
N ASP D 46 11.87 -22.07 -7.62
CA ASP D 46 12.13 -22.33 -9.04
C ASP D 46 11.47 -21.28 -9.94
N TYR D 47 10.87 -21.73 -11.05
CA TYR D 47 10.30 -20.83 -12.05
C TYR D 47 8.83 -21.14 -12.35
N GLU D 48 8.16 -21.78 -11.39
CA GLU D 48 6.76 -22.17 -11.55
C GLU D 48 5.83 -20.97 -11.63
N ASN D 49 6.13 -19.95 -10.82
CA ASN D 49 5.34 -18.72 -10.80
C ASN D 49 6.05 -17.57 -11.54
N ALA D 50 6.83 -17.93 -12.56
CA ALA D 50 7.56 -16.96 -13.35
C ALA D 50 6.65 -16.19 -14.31
N PHE D 51 6.88 -14.89 -14.39
CA PHE D 51 6.24 -14.04 -15.39
C PHE D 51 7.29 -13.71 -16.43
N ILE D 52 7.17 -14.34 -17.60
CA ILE D 52 8.13 -14.13 -18.68
C ILE D 52 7.40 -13.66 -19.94
N VAL D 53 7.73 -12.45 -20.38
CA VAL D 53 7.15 -11.90 -21.61
C VAL D 53 8.22 -11.29 -22.49
N GLY D 54 7.92 -11.19 -23.79
CA GLY D 54 8.81 -10.55 -24.75
C GLY D 54 8.73 -11.14 -26.14
N ASN D 55 9.73 -10.83 -26.96
CA ASN D 55 9.73 -11.28 -28.36
C ASN D 55 10.98 -12.06 -28.77
N TYR D 56 11.61 -12.73 -27.81
CA TYR D 56 12.62 -13.75 -28.13
C TYR D 56 11.96 -14.83 -28.98
N PRO D 57 12.70 -15.38 -29.96
CA PRO D 57 12.16 -16.45 -30.80
C PRO D 57 11.67 -17.64 -29.97
N ALA D 58 10.55 -18.22 -30.38
CA ALA D 58 9.95 -19.35 -29.66
C ALA D 58 10.88 -20.55 -29.51
N ALA D 59 11.62 -20.89 -30.57
CA ALA D 59 12.54 -22.03 -30.56
C ALA D 59 13.59 -21.88 -29.47
N TRP D 60 14.11 -20.66 -29.32
CA TRP D 60 15.08 -20.34 -28.28
C TRP D 60 14.48 -20.41 -26.87
N ARG D 61 13.29 -19.84 -26.70
CA ARG D 61 12.57 -19.94 -25.43
C ARG D 61 12.40 -21.40 -25.03
N GLU D 62 11.95 -22.23 -25.97
CA GLU D 62 11.76 -23.66 -25.73
C GLU D 62 13.06 -24.36 -25.34
N HIS D 63 14.10 -24.11 -26.15
CA HIS D 63 15.42 -24.72 -25.97
C HIS D 63 16.08 -24.32 -24.64
N TYR D 64 15.97 -23.04 -24.27
CA TYR D 64 16.50 -22.54 -23.01
C TYR D 64 15.89 -23.27 -21.82
N ASP D 65 14.56 -23.43 -21.85
CA ASP D 65 13.83 -24.16 -20.82
C ASP D 65 14.19 -25.63 -20.79
N ARG D 66 14.20 -26.26 -21.96
CA ARG D 66 14.51 -27.69 -22.08
C ARG D 66 15.95 -28.02 -21.71
N ALA D 67 16.88 -27.14 -22.10
CA ALA D 67 18.30 -27.33 -21.79
C ALA D 67 18.65 -26.95 -20.35
N GLY D 68 17.70 -26.36 -19.62
CA GLY D 68 17.92 -25.92 -18.25
C GLY D 68 19.00 -24.84 -18.15
N TYR D 69 18.97 -23.90 -19.08
CA TYR D 69 20.01 -22.87 -19.17
C TYR D 69 19.96 -21.82 -18.05
N ALA D 70 18.87 -21.78 -17.29
CA ALA D 70 18.77 -20.86 -16.15
C ALA D 70 19.80 -21.15 -15.06
N ARG D 71 20.42 -22.32 -15.15
CA ARG D 71 21.48 -22.72 -14.22
C ARG D 71 22.88 -22.50 -14.81
N VAL D 72 22.94 -22.13 -16.09
CA VAL D 72 24.21 -21.94 -16.80
C VAL D 72 24.44 -20.46 -17.13
N ASP D 73 23.41 -19.84 -17.71
CA ASP D 73 23.37 -18.43 -18.09
C ASP D 73 24.08 -17.53 -17.07
N PRO D 74 25.20 -16.89 -17.47
CA PRO D 74 25.93 -16.04 -16.52
C PRO D 74 25.14 -14.81 -16.06
N THR D 75 24.18 -14.37 -16.85
CA THR D 75 23.40 -13.17 -16.50
C THR D 75 22.44 -13.43 -15.34
N VAL D 76 21.89 -14.64 -15.29
CA VAL D 76 20.97 -15.02 -14.22
C VAL D 76 21.63 -14.97 -12.84
N SER D 77 22.81 -15.57 -12.70
CA SER D 77 23.53 -15.51 -11.41
C SER D 77 23.94 -14.08 -11.07
N HIS D 78 24.37 -13.31 -12.07
CA HIS D 78 24.71 -11.90 -11.87
C HIS D 78 23.52 -11.10 -11.30
N CYS D 79 22.33 -11.33 -11.84
CA CYS D 79 21.11 -10.65 -11.36
C CYS D 79 20.82 -10.90 -9.89
N THR D 80 21.17 -12.08 -9.39
CA THR D 80 20.97 -12.41 -7.98
C THR D 80 21.89 -11.62 -7.05
N GLN D 81 22.95 -11.05 -7.62
CA GLN D 81 24.02 -10.43 -6.81
C GLN D 81 24.15 -8.93 -7.01
N SER D 82 23.47 -8.38 -8.02
CA SER D 82 23.74 -7.01 -8.42
C SER D 82 22.52 -6.30 -9.00
N VAL D 83 22.53 -4.97 -8.89
CA VAL D 83 21.57 -4.10 -9.58
C VAL D 83 22.13 -3.50 -10.88
N LEU D 84 23.41 -3.74 -11.18
CA LEU D 84 24.05 -3.12 -12.35
C LEU D 84 23.88 -3.98 -13.61
N PRO D 85 23.83 -3.34 -14.80
CA PRO D 85 23.72 -4.14 -16.02
C PRO D 85 24.92 -5.05 -16.24
N ILE D 86 24.68 -6.21 -16.86
CA ILE D 86 25.75 -7.06 -17.36
C ILE D 86 25.66 -7.11 -18.90
N PHE D 87 26.70 -6.61 -19.56
CA PHE D 87 26.78 -6.67 -21.02
C PHE D 87 27.19 -8.07 -21.44
N TRP D 88 26.69 -8.50 -22.61
CA TRP D 88 27.02 -9.82 -23.12
C TRP D 88 28.42 -9.83 -23.76
N GLU D 89 29.42 -9.60 -22.93
CA GLU D 89 30.82 -9.57 -23.36
C GLU D 89 31.42 -10.97 -23.34
N PRO D 90 32.40 -11.23 -24.24
CA PRO D 90 32.96 -12.57 -24.35
C PRO D 90 33.45 -13.12 -23.00
N SER D 91 33.89 -12.23 -22.11
CA SER D 91 34.46 -12.63 -20.82
C SER D 91 33.44 -13.18 -19.81
N ILE D 92 32.15 -12.93 -20.00
CA ILE D 92 31.15 -13.41 -19.04
C ILE D 92 30.89 -14.92 -19.13
N TYR D 93 31.32 -15.53 -20.23
CA TYR D 93 31.16 -16.97 -20.44
C TYR D 93 32.46 -17.70 -20.07
N GLN D 94 32.45 -18.33 -18.89
CA GLN D 94 33.67 -18.87 -18.29
C GLN D 94 33.74 -20.40 -18.24
N THR D 95 32.68 -21.05 -17.79
CA THR D 95 32.64 -22.51 -17.75
C THR D 95 32.34 -23.11 -19.13
N ARG D 96 32.41 -24.44 -19.23
CA ARG D 96 32.20 -25.13 -20.51
C ARG D 96 30.81 -24.95 -21.10
N LYS D 97 29.79 -25.14 -20.26
CA LYS D 97 28.40 -25.00 -20.70
C LYS D 97 28.04 -23.55 -21.07
N GLN D 98 28.80 -22.60 -20.55
CA GLN D 98 28.58 -21.18 -20.83
C GLN D 98 29.05 -20.79 -22.22
N HIS D 99 30.15 -21.39 -22.67
CA HIS D 99 30.62 -21.17 -24.04
C HIS D 99 29.64 -21.78 -25.04
N GLU D 100 29.05 -22.92 -24.66
CA GLU D 100 28.01 -23.55 -25.45
C GLU D 100 26.74 -22.69 -25.44
N PHE D 101 26.36 -22.21 -24.25
CA PHE D 101 25.23 -21.28 -24.12
C PHE D 101 25.39 -20.10 -25.07
N PHE D 102 26.56 -19.48 -25.08
CA PHE D 102 26.87 -18.41 -26.03
C PHE D 102 26.66 -18.85 -27.49
N GLU D 103 27.18 -20.03 -27.83
CA GLU D 103 27.02 -20.58 -29.17
C GLU D 103 25.55 -20.85 -29.50
N GLU D 104 24.82 -21.46 -28.56
CA GLU D 104 23.40 -21.76 -28.73
C GLU D 104 22.57 -20.48 -28.88
N ALA D 105 22.85 -19.49 -28.03
CA ALA D 105 22.20 -18.18 -28.14
C ALA D 105 22.50 -17.51 -29.47
N SER D 106 23.78 -17.57 -29.87
CA SER D 106 24.22 -17.03 -31.15
C SER D 106 23.55 -17.78 -32.30
N ALA D 107 23.52 -19.11 -32.21
CA ALA D 107 22.85 -19.95 -33.21
C ALA D 107 21.37 -19.62 -33.32
N ALA D 108 20.77 -19.20 -32.19
CA ALA D 108 19.37 -18.77 -32.14
C ALA D 108 19.18 -17.32 -32.56
N GLY D 109 20.28 -16.59 -32.75
CA GLY D 109 20.22 -15.23 -33.29
C GLY D 109 20.46 -14.11 -32.27
N LEU D 110 20.81 -14.50 -31.05
CA LEU D 110 21.00 -13.54 -29.96
C LEU D 110 22.46 -13.51 -29.54
N VAL D 111 23.19 -12.50 -30.00
CA VAL D 111 24.63 -12.46 -29.75
C VAL D 111 25.11 -11.19 -29.03
N TYR D 112 24.58 -10.03 -29.43
CA TYR D 112 24.92 -8.76 -28.77
C TYR D 112 23.77 -8.24 -27.95
N GLY D 113 24.07 -7.68 -26.79
CA GLY D 113 23.03 -7.22 -25.89
C GLY D 113 23.50 -7.03 -24.46
N LEU D 114 22.53 -6.87 -23.56
CA LEU D 114 22.79 -6.70 -22.14
C LEU D 114 21.58 -7.17 -21.36
N THR D 115 21.80 -7.38 -20.06
CA THR D 115 20.76 -7.83 -19.16
C THR D 115 20.76 -6.88 -17.98
N MET D 116 19.59 -6.32 -17.68
CA MET D 116 19.44 -5.41 -16.57
C MET D 116 18.73 -6.14 -15.43
N PRO D 117 19.41 -6.30 -14.28
CA PRO D 117 18.75 -6.98 -13.16
C PRO D 117 17.53 -6.20 -12.68
N LEU D 118 16.51 -6.93 -12.23
CA LEU D 118 15.32 -6.31 -11.70
C LEU D 118 15.16 -6.72 -10.24
N HIS D 119 15.00 -5.72 -9.37
CA HIS D 119 14.77 -5.96 -7.95
C HIS D 119 13.67 -5.04 -7.45
N GLY D 120 12.49 -5.61 -7.28
CA GLY D 120 11.28 -4.86 -6.95
C GLY D 120 11.16 -4.48 -5.49
N ALA D 121 10.26 -3.53 -5.23
CA ALA D 121 10.02 -3.01 -3.87
C ALA D 121 9.42 -4.07 -2.96
N ARG D 122 8.76 -5.06 -3.55
CA ARG D 122 8.14 -6.14 -2.79
C ARG D 122 8.89 -7.47 -2.90
N GLY D 123 10.17 -7.40 -3.24
CA GLY D 123 11.03 -8.59 -3.30
C GLY D 123 11.04 -9.33 -4.62
N GLU D 124 10.39 -8.76 -5.64
CA GLU D 124 10.37 -9.34 -6.99
C GLU D 124 11.82 -9.44 -7.50
N LEU D 125 12.14 -10.56 -8.14
CA LEU D 125 13.48 -10.79 -8.68
C LEU D 125 13.40 -11.11 -10.15
N GLY D 126 14.23 -10.44 -10.97
CA GLY D 126 14.18 -10.72 -12.39
C GLY D 126 15.25 -10.07 -13.24
N ALA D 127 14.94 -9.93 -14.52
CA ALA D 127 15.88 -9.40 -15.50
C ALA D 127 15.13 -8.89 -16.70
N LEU D 128 15.59 -7.76 -17.23
CA LEU D 128 15.19 -7.31 -18.54
C LEU D 128 16.40 -7.45 -19.45
N SER D 129 16.28 -8.33 -20.44
CA SER D 129 17.35 -8.53 -21.42
C SER D 129 16.96 -7.92 -22.75
N LEU D 130 17.93 -7.25 -23.39
CA LEU D 130 17.70 -6.65 -24.69
C LEU D 130 18.85 -7.04 -25.61
N SER D 131 18.51 -7.48 -26.82
CA SER D 131 19.53 -7.81 -27.79
C SER D 131 19.47 -6.80 -28.94
N VAL D 132 20.63 -6.50 -29.51
CA VAL D 132 20.71 -5.55 -30.61
C VAL D 132 21.31 -6.21 -31.85
N GLU D 133 20.70 -5.94 -33.00
CA GLU D 133 21.20 -6.40 -34.27
C GLU D 133 22.35 -5.47 -34.67
N ALA D 134 23.55 -6.04 -34.79
CA ALA D 134 24.74 -5.27 -35.14
C ALA D 134 25.70 -6.04 -36.04
N GLU D 135 26.60 -5.31 -36.69
CA GLU D 135 27.56 -5.89 -37.63
C GLU D 135 28.70 -6.61 -36.91
N ASN D 136 28.99 -6.16 -35.69
CA ASN D 136 29.98 -6.77 -34.82
C ASN D 136 29.82 -6.21 -33.40
N ARG D 137 30.49 -6.81 -32.43
CA ARG D 137 30.36 -6.37 -31.04
C ARG D 137 30.82 -4.93 -30.78
N ALA D 138 31.85 -4.48 -31.51
CA ALA D 138 32.35 -3.11 -31.37
C ALA D 138 31.27 -2.08 -31.71
N GLU D 139 30.55 -2.32 -32.80
CA GLU D 139 29.45 -1.46 -33.23
C GLU D 139 28.28 -1.56 -32.24
N ALA D 140 28.03 -2.79 -31.77
CA ALA D 140 26.98 -3.06 -30.80
C ALA D 140 27.23 -2.32 -29.49
N ASN D 141 28.47 -2.38 -29.01
CA ASN D 141 28.85 -1.74 -27.76
C ASN D 141 28.80 -0.22 -27.82
N ARG D 142 29.21 0.34 -28.95
CA ARG D 142 29.10 1.79 -29.16
C ARG D 142 27.65 2.23 -29.20
N PHE D 143 26.78 1.40 -29.78
CA PHE D 143 25.36 1.71 -29.78
C PHE D 143 24.75 1.65 -28.38
N MET D 144 25.00 0.55 -27.67
CA MET D 144 24.41 0.34 -26.35
C MET D 144 24.84 1.41 -25.34
N GLU D 145 26.11 1.83 -25.45
CA GLU D 145 26.64 2.89 -24.60
C GLU D 145 25.89 4.20 -24.82
N SER D 146 25.59 4.51 -26.08
CA SER D 146 24.89 5.75 -26.45
C SER D 146 23.46 5.84 -25.92
N VAL D 147 22.84 4.69 -25.65
CA VAL D 147 21.44 4.67 -25.22
C VAL D 147 21.27 4.16 -23.77
N LEU D 148 22.39 3.81 -23.15
CA LEU D 148 22.37 3.22 -21.82
C LEU D 148 21.56 3.99 -20.76
N PRO D 149 21.72 5.34 -20.68
CA PRO D 149 20.95 6.07 -19.66
C PRO D 149 19.44 5.91 -19.79
N THR D 150 18.94 5.91 -21.03
CA THR D 150 17.52 5.71 -21.30
C THR D 150 17.08 4.30 -20.92
N LEU D 151 17.90 3.33 -21.29
CA LEU D 151 17.70 1.93 -20.98
C LEU D 151 17.63 1.73 -19.46
N TRP D 152 18.48 2.45 -18.73
CA TRP D 152 18.56 2.31 -17.29
C TRP D 152 17.28 2.78 -16.62
N MET D 153 16.68 3.84 -17.17
CA MET D 153 15.39 4.32 -16.68
C MET D 153 14.30 3.33 -17.07
N LEU D 154 14.38 2.84 -18.30
CA LEU D 154 13.38 1.93 -18.85
C LEU D 154 13.18 0.67 -18.01
N LYS D 155 14.28 0.07 -17.54
CA LYS D 155 14.16 -1.17 -16.78
C LYS D 155 13.38 -0.99 -15.47
N ASP D 156 13.53 0.16 -14.82
CA ASP D 156 12.79 0.45 -13.61
C ASP D 156 11.30 0.74 -13.85
N TYR D 157 11.00 1.48 -14.90
CA TYR D 157 9.60 1.69 -15.31
C TYR D 157 8.92 0.37 -15.66
N ALA D 158 9.62 -0.46 -16.43
CA ALA D 158 9.13 -1.80 -16.79
C ALA D 158 8.91 -2.64 -15.55
N LEU D 159 9.88 -2.60 -14.64
CA LEU D 159 9.76 -3.31 -13.37
C LEU D 159 8.53 -2.86 -12.56
N GLN D 160 8.39 -1.55 -12.36
CA GLN D 160 7.30 -1.03 -11.53
C GLN D 160 5.93 -1.41 -12.09
N SER D 161 5.76 -1.18 -13.39
CA SER D 161 4.53 -1.52 -14.10
C SER D 161 4.29 -3.04 -14.14
N GLY D 162 5.34 -3.80 -14.46
CA GLY D 162 5.25 -5.24 -14.64
C GLY D 162 4.99 -6.06 -13.40
N ALA D 163 5.59 -5.67 -12.28
CA ALA D 163 5.43 -6.40 -11.02
C ALA D 163 3.97 -6.47 -10.58
N GLY D 164 3.23 -5.39 -10.78
CA GLY D 164 1.82 -5.30 -10.42
C GLY D 164 0.89 -5.90 -11.45
N LEU D 165 1.47 -6.51 -12.47
CA LEU D 165 0.74 -7.29 -13.45
C LEU D 165 1.00 -8.77 -13.20
N ALA D 166 2.21 -9.06 -12.73
CA ALA D 166 2.68 -10.42 -12.53
C ALA D 166 2.09 -11.09 -11.28
N PHE D 167 2.11 -10.38 -10.15
CA PHE D 167 1.79 -11.00 -8.87
C PHE D 167 0.69 -10.26 -8.10
N GLU D 168 0.07 -9.29 -8.76
CA GLU D 168 -0.94 -8.42 -8.17
C GLU D 168 -1.77 -7.78 -9.29
#